data_6YE2
#
_entry.id   6YE2
#
_cell.length_a   93.360
_cell.length_b   230.940
_cell.length_c   53.970
_cell.angle_alpha   90.000
_cell.angle_beta   90.000
_cell.angle_gamma   90.000
#
_symmetry.space_group_name_H-M   'P 21 21 2'
#
loop_
_entity.id
_entity.type
_entity.pdbx_description
1 polymer "5'-nucleotidase"
2 non-polymer 'ZINC ION'
3 non-polymer '[(2~{R},3~{S},4~{R},5~{R})-5-[6-chloranyl-4-(cyclopentylamino)pyrazolo[3,4-d]pyrimidin-1-yl]-3,4-bis(oxidanyl)oxolan-2-yl]methoxymethylphosphonic acid'
4 non-polymer 'CALCIUM ION'
5 water water
#
_entity_poly.entity_id   1
_entity_poly.type   'polypeptide(L)'
_entity_poly.pdbx_seq_one_letter_code
;MWELTILHTNDVHSRLEQTSEDSSKCVDASRCMGGVARLFTKVQQIRRAEPNVLLLDAGDQYQGTIWFTVYKGAEVAHFM
NALRYDAMALGNHEFDNGVEGLIEPLLKEAKFPILSANIKAKGPLASQISGLYLPYKVLPVGDEVVGIVGYTSKETPFLS
NPGTNLVFEDEITALQPEVDKLKTLNVNKIIALGHSGFEMDKLIAQKVRGVDVVVGGHSNTFLYTGNPPSKEVPAGKYPF
IVTSDDGRKVPVVQAYAFGKYLGYLKIEFDERGNVISSHGNPILLDSSIPEDPSIKADINKWRIKLDDYSTQELGKTIVY
LDGSSQSCRFRECNMGNLICDAMINNNLRHADEMFWNHVSMCILNGGGIRSPIDERNDGTITWENLAAVLPFGGTFDLVQ
LKGSTLKKAFEHSVHRYGQSTGEFLQVGGIHVVYDLSRKPGDRVVKLDVLCTKCRVPSYDPLKMDEVYKVILPNFLANGG
DGFQMIKDELLRHDSGDQDINVVSTYISKMKVIYPAVEGRIKFSLEHHHHHH
;
_entity_poly.pdbx_strand_id   A,B
#
loop_
_chem_comp.id
_chem_comp.type
_chem_comp.name
_chem_comp.formula
CA non-polymer 'CALCIUM ION' 'Ca 2'
OO5 non-polymer '[(2~{R},3~{S},4~{R},5~{R})-5-[6-chloranyl-4-(cyclopentylamino)pyrazolo[3,4-d]pyrimidin-1-yl]-3,4-bis(oxidanyl)oxolan-2-yl]methoxymethylphosphonic acid' 'C16 H23 Cl N5 O7 P'
ZN non-polymer 'ZINC ION' 'Zn 2'
#
# COMPACT_ATOMS: atom_id res chain seq x y z
N MET A 1 45.33 -1.29 28.56
CA MET A 1 44.23 -0.67 27.80
C MET A 1 43.14 -1.71 27.50
N TRP A 2 41.87 -1.30 27.55
CA TRP A 2 40.71 -2.11 27.23
C TRP A 2 39.78 -1.24 26.38
N GLU A 3 39.48 -1.69 25.15
CA GLU A 3 38.66 -0.94 24.20
C GLU A 3 37.20 -1.39 24.14
N LEU A 4 36.29 -0.40 24.13
CA LEU A 4 34.84 -0.59 24.04
C LEU A 4 34.29 0.22 22.88
N THR A 5 33.43 -0.41 22.06
CA THR A 5 32.71 0.25 20.98
C THR A 5 31.26 0.42 21.44
N ILE A 6 30.82 1.69 21.60
CA ILE A 6 29.45 1.99 21.95
C ILE A 6 28.69 2.32 20.69
N LEU A 7 27.71 1.48 20.36
CA LEU A 7 26.79 1.67 19.27
C LEU A 7 25.52 2.19 19.87
N HIS A 8 24.96 3.27 19.32
CA HIS A 8 23.80 3.85 19.99
C HIS A 8 22.80 4.53 19.07
N THR A 9 21.52 4.45 19.47
CA THR A 9 20.36 5.07 18.80
C THR A 9 19.50 5.77 19.86
N ASN A 10 18.84 6.84 19.48
CA ASN A 10 17.95 7.62 20.33
C ASN A 10 16.91 8.23 19.45
N ASP A 11 15.70 8.40 19.99
CA ASP A 11 14.57 9.03 19.34
C ASP A 11 14.24 8.40 17.99
N VAL A 12 14.16 7.06 17.93
CA VAL A 12 13.84 6.34 16.69
C VAL A 12 12.41 6.68 16.24
N HIS A 13 11.49 6.82 17.20
CA HIS A 13 10.11 7.21 17.00
C HIS A 13 9.34 6.44 15.91
N SER A 14 9.24 5.12 16.11
CA SER A 14 8.45 4.21 15.25
C SER A 14 8.89 4.12 13.78
N ARG A 15 10.13 4.56 13.50
CA ARG A 15 10.75 4.50 12.16
C ARG A 15 11.33 3.08 11.92
N LEU A 16 10.44 2.06 11.98
CA LEU A 16 10.80 0.64 11.81
C LEU A 16 11.25 0.29 10.43
N GLU A 17 10.64 0.93 9.44
CA GLU A 17 11.00 0.74 8.03
C GLU A 17 11.90 1.88 7.68
N GLN A 18 12.72 1.68 6.64
CA GLN A 18 13.56 2.71 6.06
C GLN A 18 12.66 3.87 5.59
N THR A 19 13.17 5.08 5.73
CA THR A 19 12.44 6.32 5.45
C THR A 19 13.16 7.13 4.37
N SER A 20 12.54 8.25 3.97
CA SER A 20 13.12 9.26 3.11
C SER A 20 14.23 9.94 3.97
N GLU A 21 15.12 10.76 3.38
CA GLU A 21 16.22 11.38 4.13
C GLU A 21 15.76 12.41 5.17
N ASP A 22 14.50 12.91 5.06
CA ASP A 22 13.88 13.84 6.04
C ASP A 22 13.05 13.05 7.10
N SER A 23 13.08 11.71 6.97
CA SER A 23 12.45 10.69 7.79
C SER A 23 10.93 10.53 7.50
N SER A 24 10.45 11.15 6.43
CA SER A 24 9.07 10.94 6.01
C SER A 24 8.96 9.56 5.30
N LYS A 25 7.75 9.13 4.92
CA LYS A 25 7.56 7.83 4.29
C LYS A 25 8.47 7.65 3.10
N CYS A 26 9.02 6.44 2.96
CA CYS A 26 9.90 6.08 1.86
C CYS A 26 9.08 5.86 0.60
N VAL A 27 9.47 6.54 -0.46
CA VAL A 27 8.80 6.42 -1.75
C VAL A 27 9.83 5.90 -2.75
N ASP A 28 10.90 6.70 -3.02
CA ASP A 28 11.99 6.29 -3.93
C ASP A 28 12.96 5.47 -3.09
N ALA A 29 12.75 4.13 -3.07
CA ALA A 29 13.53 3.19 -2.23
C ALA A 29 15.07 3.25 -2.36
N SER A 30 15.60 3.62 -3.54
CA SER A 30 17.03 3.72 -3.82
C SER A 30 17.75 4.84 -3.05
N ARG A 31 17.01 5.83 -2.56
CA ARG A 31 17.54 6.97 -1.80
C ARG A 31 17.05 6.92 -0.34
N CYS A 32 16.49 5.78 0.09
CA CYS A 32 15.97 5.67 1.43
C CYS A 32 17.02 5.26 2.42
N MET A 33 16.77 5.64 3.69
CA MET A 33 17.71 5.50 4.79
C MET A 33 17.10 4.93 6.06
N GLY A 34 17.94 4.42 6.95
CA GLY A 34 17.50 3.87 8.22
C GLY A 34 16.71 2.59 8.16
N GLY A 35 15.85 2.42 9.16
CA GLY A 35 15.02 1.22 9.34
C GLY A 35 15.74 0.23 10.22
N VAL A 36 15.01 -0.77 10.74
CA VAL A 36 15.61 -1.77 11.62
C VAL A 36 16.39 -2.84 10.85
N ALA A 37 15.98 -3.15 9.60
CA ALA A 37 16.64 -4.15 8.76
C ALA A 37 18.02 -3.69 8.33
N ARG A 38 18.15 -2.38 8.04
CA ARG A 38 19.45 -1.81 7.67
C ARG A 38 20.32 -1.65 8.92
N LEU A 39 19.73 -1.25 10.05
CA LEU A 39 20.43 -1.11 11.33
C LEU A 39 21.05 -2.43 11.75
N PHE A 40 20.28 -3.54 11.65
CA PHE A 40 20.78 -4.88 11.95
C PHE A 40 22.04 -5.20 11.14
N THR A 41 22.12 -4.78 9.84
CA THR A 41 23.29 -5.04 8.98
C THR A 41 24.54 -4.36 9.51
N LYS A 42 24.45 -3.02 9.81
CA LYS A 42 25.59 -2.25 10.31
C LYS A 42 26.10 -2.80 11.68
N VAL A 43 25.19 -3.04 12.60
CA VAL A 43 25.50 -3.59 13.93
C VAL A 43 26.31 -4.90 13.80
N GLN A 44 25.81 -5.83 12.99
CA GLN A 44 26.43 -7.12 12.67
CA GLN A 44 26.48 -7.11 12.77
C GLN A 44 27.89 -6.94 12.18
N GLN A 45 28.09 -5.98 11.26
CA GLN A 45 29.36 -5.61 10.62
C GLN A 45 30.36 -5.03 11.67
N ILE A 46 29.88 -4.34 12.69
CA ILE A 46 30.71 -3.79 13.76
C ILE A 46 31.01 -4.91 14.78
N ARG A 47 30.00 -5.75 15.13
CA ARG A 47 30.14 -6.87 16.08
C ARG A 47 31.13 -7.92 15.62
N ARG A 48 31.25 -8.07 14.30
CA ARG A 48 32.14 -9.02 13.63
C ARG A 48 33.58 -8.59 13.74
N ALA A 49 33.81 -7.28 13.72
CA ALA A 49 35.11 -6.62 13.67
C ALA A 49 35.68 -6.23 15.03
N GLU A 50 34.83 -5.88 15.98
CA GLU A 50 35.26 -5.40 17.30
C GLU A 50 34.94 -6.40 18.41
N PRO A 51 35.90 -6.66 19.33
CA PRO A 51 35.65 -7.66 20.38
C PRO A 51 34.65 -7.23 21.45
N ASN A 52 34.66 -5.96 21.88
CA ASN A 52 33.81 -5.46 22.96
C ASN A 52 32.87 -4.38 22.47
N VAL A 53 31.58 -4.75 22.29
CA VAL A 53 30.54 -3.93 21.71
C VAL A 53 29.29 -3.90 22.57
N LEU A 54 28.72 -2.68 22.78
CA LEU A 54 27.43 -2.46 23.43
C LEU A 54 26.53 -1.70 22.47
N LEU A 55 25.28 -2.14 22.32
CA LEU A 55 24.29 -1.46 21.49
C LEU A 55 23.26 -0.88 22.47
N LEU A 56 23.23 0.44 22.59
CA LEU A 56 22.34 1.11 23.53
C LEU A 56 21.30 1.99 22.86
N ASP A 57 20.14 2.16 23.51
CA ASP A 57 19.07 3.05 23.08
C ASP A 57 18.78 4.08 24.19
N ALA A 58 18.79 5.36 23.84
CA ALA A 58 18.58 6.42 24.80
C ALA A 58 17.15 6.92 24.83
N GLY A 59 16.21 6.03 24.49
CA GLY A 59 14.78 6.29 24.61
C GLY A 59 14.06 6.87 23.43
N ASP A 60 12.74 6.95 23.54
CA ASP A 60 11.85 7.47 22.52
C ASP A 60 11.78 6.59 21.28
N GLN A 61 11.65 5.30 21.54
CA GLN A 61 11.41 4.33 20.50
C GLN A 61 9.91 4.51 20.14
N TYR A 62 9.08 4.70 21.18
CA TYR A 62 7.64 4.93 21.10
C TYR A 62 7.25 6.22 20.37
N GLN A 63 6.03 6.16 19.77
CA GLN A 63 5.28 7.24 19.11
C GLN A 63 5.99 7.84 17.90
N GLY A 64 5.30 7.88 16.77
CA GLY A 64 5.89 8.49 15.58
C GLY A 64 5.24 8.19 14.25
N THR A 65 4.86 6.92 14.03
CA THR A 65 4.25 6.44 12.79
C THR A 65 3.15 5.44 13.09
N ILE A 66 2.45 4.99 12.03
CA ILE A 66 1.35 4.04 12.07
C ILE A 66 1.77 2.67 12.67
N TRP A 67 3.10 2.39 12.76
CA TRP A 67 3.70 1.22 13.39
C TRP A 67 3.34 1.20 14.86
N PHE A 68 3.39 2.38 15.50
CA PHE A 68 3.06 2.51 16.90
C PHE A 68 1.56 2.60 17.14
N THR A 69 0.84 3.29 16.26
CA THR A 69 -0.60 3.47 16.32
C THR A 69 -1.26 2.09 16.39
N VAL A 70 -0.70 1.14 15.62
CA VAL A 70 -1.17 -0.24 15.49
C VAL A 70 -0.56 -1.18 16.54
N TYR A 71 0.78 -1.27 16.60
CA TYR A 71 1.43 -2.23 17.49
C TYR A 71 1.61 -1.76 18.94
N LYS A 72 1.45 -0.46 19.20
CA LYS A 72 1.47 0.15 20.54
C LYS A 72 2.68 -0.24 21.46
N GLY A 73 3.83 -0.57 20.85
CA GLY A 73 5.03 -0.91 21.59
C GLY A 73 5.53 -2.32 21.39
N ALA A 74 4.61 -3.24 21.00
CA ALA A 74 4.92 -4.64 20.74
C ALA A 74 5.96 -4.79 19.62
N GLU A 75 5.92 -3.88 18.61
CA GLU A 75 6.87 -3.83 17.50
C GLU A 75 8.24 -3.41 17.99
N VAL A 76 8.29 -2.48 18.98
CA VAL A 76 9.52 -1.98 19.61
C VAL A 76 10.20 -3.16 20.33
N ALA A 77 9.44 -3.88 21.19
CA ALA A 77 9.96 -5.03 21.96
C ALA A 77 10.54 -6.09 21.04
N HIS A 78 9.76 -6.48 20.00
CA HIS A 78 10.12 -7.48 19.00
C HIS A 78 11.35 -7.16 18.16
N PHE A 79 11.43 -5.96 17.55
CA PHE A 79 12.57 -5.65 16.67
C PHE A 79 13.81 -5.17 17.43
N MET A 80 13.67 -4.69 18.68
CA MET A 80 14.86 -4.35 19.50
C MET A 80 15.46 -5.65 20.04
N ASN A 81 14.62 -6.68 20.21
CA ASN A 81 15.06 -8.00 20.67
C ASN A 81 15.80 -8.68 19.55
N ALA A 82 15.31 -8.52 18.31
CA ALA A 82 15.88 -9.06 17.09
C ALA A 82 17.29 -8.48 16.85
N LEU A 83 17.46 -7.20 17.20
CA LEU A 83 18.72 -6.46 17.04
C LEU A 83 19.67 -6.71 18.22
N ARG A 84 19.15 -7.30 19.31
CA ARG A 84 19.84 -7.70 20.54
C ARG A 84 20.45 -6.48 21.23
N TYR A 85 19.62 -5.46 21.49
CA TYR A 85 20.05 -4.28 22.22
C TYR A 85 20.56 -4.76 23.59
N ASP A 86 21.57 -4.07 24.15
CA ASP A 86 22.10 -4.50 25.44
C ASP A 86 21.39 -3.79 26.58
N ALA A 87 20.93 -2.57 26.35
CA ALA A 87 20.18 -1.78 27.33
C ALA A 87 19.45 -0.65 26.64
N MET A 88 18.37 -0.18 27.30
CA MET A 88 17.59 0.95 26.82
C MET A 88 17.23 1.81 27.97
N ALA A 89 17.33 3.13 27.81
CA ALA A 89 16.90 4.07 28.84
C ALA A 89 15.47 4.51 28.45
N LEU A 90 14.58 4.67 29.43
CA LEU A 90 13.19 5.10 29.20
C LEU A 90 13.15 6.57 28.81
N GLY A 91 12.42 6.84 27.74
CA GLY A 91 12.21 8.19 27.24
C GLY A 91 10.86 8.68 27.73
N ASN A 92 10.59 9.96 27.51
CA ASN A 92 9.30 10.50 27.93
C ASN A 92 8.14 9.85 27.13
N HIS A 93 8.34 9.58 25.81
CA HIS A 93 7.30 8.99 24.94
C HIS A 93 6.92 7.56 25.30
N GLU A 94 7.76 6.84 26.09
CA GLU A 94 7.47 5.48 26.50
C GLU A 94 6.29 5.44 27.48
N PHE A 95 5.85 6.61 27.94
CA PHE A 95 4.73 6.82 28.89
C PHE A 95 3.47 7.36 28.22
N ASP A 96 3.51 7.60 26.90
CA ASP A 96 2.38 8.14 26.11
C ASP A 96 1.08 7.36 26.24
N ASN A 97 1.19 6.04 26.45
CA ASN A 97 0.01 5.17 26.64
C ASN A 97 -0.16 4.79 28.12
N GLY A 98 0.38 5.61 29.01
CA GLY A 98 0.35 5.38 30.45
C GLY A 98 1.29 4.28 30.86
N VAL A 99 1.31 3.92 32.16
CA VAL A 99 2.18 2.87 32.67
C VAL A 99 1.80 1.50 32.11
N GLU A 100 0.49 1.24 31.90
CA GLU A 100 0.01 -0.03 31.35
C GLU A 100 0.46 -0.22 29.90
N GLY A 101 0.52 0.88 29.16
CA GLY A 101 0.98 0.90 27.78
C GLY A 101 2.48 0.73 27.65
N LEU A 102 3.20 0.81 28.79
CA LEU A 102 4.65 0.61 28.90
C LEU A 102 4.99 -0.79 29.47
N ILE A 103 4.27 -1.19 30.49
CA ILE A 103 4.45 -2.47 31.19
C ILE A 103 4.18 -3.66 30.25
N GLU A 104 2.95 -3.80 29.75
CA GLU A 104 2.56 -4.96 28.96
C GLU A 104 3.26 -5.04 27.59
N PRO A 105 3.20 -4.02 26.70
CA PRO A 105 3.87 -4.20 25.40
C PRO A 105 5.38 -4.27 25.45
N LEU A 106 6.05 -3.51 26.34
CA LEU A 106 7.51 -3.43 26.29
C LEU A 106 8.25 -4.05 27.46
N LEU A 107 7.98 -3.61 28.70
CA LEU A 107 8.68 -4.04 29.92
C LEU A 107 8.66 -5.56 30.17
N LYS A 108 7.51 -6.20 29.90
CA LYS A 108 7.34 -7.64 30.03
C LYS A 108 7.93 -8.44 28.85
N GLU A 109 8.11 -7.81 27.67
CA GLU A 109 8.55 -8.49 26.45
C GLU A 109 10.02 -8.31 26.05
N ALA A 110 10.66 -7.22 26.49
CA ALA A 110 12.05 -6.94 26.19
C ALA A 110 12.95 -7.96 26.85
N LYS A 111 13.98 -8.42 26.11
CA LYS A 111 14.98 -9.41 26.59
C LYS A 111 16.30 -8.70 27.00
N PHE A 112 16.24 -7.36 27.14
CA PHE A 112 17.35 -6.47 27.48
C PHE A 112 16.92 -5.56 28.63
N PRO A 113 17.85 -5.15 29.54
CA PRO A 113 17.43 -4.26 30.64
C PRO A 113 16.92 -2.88 30.22
N ILE A 114 15.80 -2.45 30.83
CA ILE A 114 15.21 -1.12 30.58
C ILE A 114 15.45 -0.27 31.81
N LEU A 115 16.12 0.88 31.64
CA LEU A 115 16.64 1.66 32.76
C LEU A 115 16.15 3.10 32.98
N SER A 116 16.09 3.48 34.28
CA SER A 116 15.82 4.82 34.78
C SER A 116 16.08 4.90 36.26
N ALA A 117 17.13 5.62 36.70
CA ALA A 117 17.43 5.81 38.12
C ALA A 117 16.66 6.96 38.75
N ASN A 118 16.12 7.87 37.95
CA ASN A 118 15.42 9.00 38.56
C ASN A 118 13.89 8.83 38.62
N ILE A 119 13.33 7.65 38.25
CA ILE A 119 11.89 7.41 38.33
C ILE A 119 11.59 6.49 39.49
N LYS A 120 10.86 6.99 40.50
CA LYS A 120 10.48 6.18 41.65
C LYS A 120 8.97 5.88 41.63
N ALA A 121 8.61 4.60 41.79
CA ALA A 121 7.20 4.18 41.81
C ALA A 121 6.65 4.18 43.24
N LYS A 122 5.40 4.62 43.41
CA LYS A 122 4.80 4.66 44.73
C LYS A 122 3.46 3.93 44.83
N GLY A 123 3.25 3.25 45.94
CA GLY A 123 2.03 2.55 46.29
C GLY A 123 1.52 1.42 45.44
N PRO A 124 0.39 1.62 44.71
CA PRO A 124 -0.20 0.50 43.93
C PRO A 124 0.66 0.05 42.75
N LEU A 125 1.23 1.01 42.03
CA LEU A 125 2.08 0.81 40.87
C LEU A 125 3.42 0.14 41.23
N ALA A 126 4.01 0.49 42.39
CA ALA A 126 5.30 0.00 42.86
C ALA A 126 5.46 -1.51 42.82
N SER A 127 4.53 -2.25 43.45
CA SER A 127 4.54 -3.72 43.52
C SER A 127 4.36 -4.41 42.15
N GLN A 128 3.62 -3.74 41.24
CA GLN A 128 3.35 -4.22 39.87
C GLN A 128 4.59 -4.16 39.01
N ILE A 129 5.24 -2.98 38.96
CA ILE A 129 6.38 -2.63 38.10
C ILE A 129 7.76 -3.07 38.71
N SER A 130 7.75 -3.87 39.82
CA SER A 130 8.94 -4.38 40.51
C SER A 130 9.94 -5.09 39.58
N GLY A 131 11.09 -4.44 39.34
CA GLY A 131 12.17 -4.99 38.51
C GLY A 131 11.88 -5.03 37.02
N LEU A 132 10.74 -4.44 36.59
CA LEU A 132 10.35 -4.36 35.17
C LEU A 132 11.22 -3.36 34.43
N TYR A 133 11.74 -2.38 35.19
CA TYR A 133 12.74 -1.40 34.79
C TYR A 133 13.69 -1.34 35.99
N LEU A 134 14.94 -0.92 35.78
CA LEU A 134 15.98 -0.90 36.79
C LEU A 134 16.74 0.44 36.87
N PRO A 135 17.40 0.83 37.99
CA PRO A 135 18.12 2.11 37.98
C PRO A 135 19.42 2.04 37.17
N TYR A 136 20.04 0.86 37.13
CA TYR A 136 21.27 0.57 36.39
C TYR A 136 21.31 -0.92 36.08
N LYS A 137 22.29 -1.35 35.28
CA LYS A 137 22.59 -2.75 35.00
C LYS A 137 24.07 -2.87 34.79
N VAL A 138 24.72 -3.81 35.48
CA VAL A 138 26.14 -4.14 35.33
C VAL A 138 26.23 -5.24 34.26
N LEU A 139 26.75 -4.88 33.09
CA LEU A 139 26.85 -5.79 31.96
C LEU A 139 28.23 -6.42 31.78
N PRO A 140 28.32 -7.76 31.72
CA PRO A 140 29.60 -8.42 31.38
C PRO A 140 30.00 -8.10 29.93
N VAL A 141 31.23 -7.61 29.72
CA VAL A 141 31.72 -7.29 28.38
C VAL A 141 33.10 -7.92 28.29
N GLY A 142 33.14 -9.12 27.71
CA GLY A 142 34.37 -9.86 27.60
C GLY A 142 34.82 -10.25 28.98
N ASP A 143 36.05 -9.89 29.35
CA ASP A 143 36.58 -10.22 30.66
C ASP A 143 36.34 -9.08 31.69
N GLU A 144 35.54 -8.08 31.29
CA GLU A 144 35.23 -6.89 32.06
C GLU A 144 33.76 -6.80 32.38
N VAL A 145 33.41 -5.72 33.04
CA VAL A 145 32.05 -5.40 33.43
C VAL A 145 31.82 -3.87 33.19
N VAL A 146 30.68 -3.53 32.63
CA VAL A 146 30.36 -2.11 32.38
C VAL A 146 29.04 -1.80 33.07
N GLY A 147 29.03 -0.70 33.80
CA GLY A 147 27.83 -0.23 34.47
C GLY A 147 27.14 0.82 33.62
N ILE A 148 25.82 0.64 33.40
CA ILE A 148 25.00 1.56 32.63
C ILE A 148 23.90 2.06 33.55
N VAL A 149 23.94 3.37 33.88
CA VAL A 149 22.99 4.10 34.75
C VAL A 149 22.03 4.88 33.86
N GLY A 150 20.73 4.67 34.04
CA GLY A 150 19.68 5.31 33.24
C GLY A 150 19.07 6.53 33.88
N TYR A 151 18.50 7.42 33.04
CA TYR A 151 17.83 8.64 33.48
C TYR A 151 16.80 9.05 32.42
N THR A 152 15.73 9.68 32.85
CA THR A 152 14.58 10.09 32.02
C THR A 152 14.25 11.53 32.41
N SER A 153 13.89 12.39 31.40
CA SER A 153 13.54 13.82 31.60
C SER A 153 12.65 14.09 32.77
N LYS A 154 12.99 15.12 33.59
CA LYS A 154 12.21 15.59 34.76
C LYS A 154 10.83 16.03 34.28
N GLU A 155 10.74 16.57 33.04
CA GLU A 155 9.49 17.10 32.51
C GLU A 155 8.57 16.04 31.83
N THR A 156 8.88 14.73 32.00
CA THR A 156 8.03 13.62 31.52
C THR A 156 6.55 13.80 32.02
N PRO A 157 6.24 14.19 33.30
CA PRO A 157 4.83 14.38 33.67
C PRO A 157 4.11 15.54 32.95
N PHE A 158 4.87 16.39 32.27
CA PHE A 158 4.35 17.55 31.56
C PHE A 158 4.48 17.37 30.05
N LEU A 159 5.07 16.23 29.61
CA LEU A 159 5.23 15.85 28.19
C LEU A 159 4.45 14.60 27.86
N SER A 160 4.09 13.81 28.87
CA SER A 160 3.47 12.52 28.66
C SER A 160 2.42 12.18 29.69
N ASN A 161 2.02 10.90 29.74
CA ASN A 161 1.02 10.38 30.66
C ASN A 161 1.66 9.36 31.63
N PRO A 162 2.68 9.69 32.46
CA PRO A 162 3.24 8.66 33.35
C PRO A 162 2.37 8.29 34.54
N GLY A 163 1.36 9.12 34.84
CA GLY A 163 0.44 8.91 35.94
C GLY A 163 0.92 9.49 37.26
N THR A 164 0.04 9.47 38.28
CA THR A 164 0.31 10.06 39.60
C THR A 164 1.14 9.15 40.53
N ASN A 165 1.37 7.87 40.16
CA ASN A 165 2.14 6.96 41.01
C ASN A 165 3.59 6.81 40.56
N LEU A 166 4.08 7.80 39.81
CA LEU A 166 5.48 7.88 39.39
C LEU A 166 6.06 9.23 39.75
N VAL A 167 7.17 9.21 40.53
CA VAL A 167 7.90 10.40 40.97
C VAL A 167 9.16 10.52 40.14
N PHE A 168 9.22 11.61 39.35
CA PHE A 168 10.32 11.97 38.45
C PHE A 168 11.33 12.88 39.19
N GLU A 169 12.35 12.26 39.83
CA GLU A 169 13.40 12.91 40.61
C GLU A 169 14.40 13.61 39.64
N ASP A 170 15.11 14.69 40.09
CA ASP A 170 16.11 15.41 39.29
C ASP A 170 17.18 14.42 38.91
N GLU A 171 17.66 14.47 37.66
CA GLU A 171 18.64 13.53 37.10
C GLU A 171 19.90 13.46 37.92
N ILE A 172 20.59 14.58 38.11
CA ILE A 172 21.87 14.60 38.84
C ILE A 172 21.72 14.09 40.28
N THR A 173 20.67 14.53 40.98
CA THR A 173 20.36 14.10 42.35
C THR A 173 20.18 12.60 42.46
N ALA A 174 19.45 11.99 41.52
CA ALA A 174 19.22 10.55 41.54
C ALA A 174 20.40 9.76 41.01
N LEU A 175 21.20 10.34 40.10
CA LEU A 175 22.29 9.61 39.49
C LEU A 175 23.49 9.38 40.41
N GLN A 176 23.99 10.43 41.11
CA GLN A 176 25.18 10.31 41.97
C GLN A 176 25.14 9.13 42.98
N PRO A 177 24.05 8.89 43.76
CA PRO A 177 24.06 7.74 44.68
C PRO A 177 24.19 6.40 43.94
N GLU A 178 23.57 6.27 42.75
CA GLU A 178 23.65 5.05 41.90
C GLU A 178 25.05 4.82 41.37
N VAL A 179 25.73 5.87 40.91
CA VAL A 179 27.10 5.80 40.41
C VAL A 179 28.02 5.41 41.57
N ASP A 180 27.85 6.05 42.74
CA ASP A 180 28.64 5.78 43.96
C ASP A 180 28.49 4.32 44.44
N LYS A 181 27.28 3.75 44.32
CA LYS A 181 26.97 2.37 44.67
C LYS A 181 27.76 1.42 43.76
N LEU A 182 27.83 1.73 42.47
CA LEU A 182 28.55 0.95 41.47
C LEU A 182 30.05 0.97 41.72
N LYS A 183 30.56 2.08 42.24
CA LYS A 183 31.98 2.22 42.57
C LYS A 183 32.33 1.28 43.74
N THR A 184 31.41 1.16 44.74
CA THR A 184 31.62 0.27 45.87
C THR A 184 31.53 -1.21 45.41
N LEU A 185 30.79 -1.46 44.31
CA LEU A 185 30.64 -2.78 43.70
C LEU A 185 31.81 -3.07 42.75
N ASN A 186 32.83 -2.17 42.75
CA ASN A 186 34.04 -2.21 41.94
C ASN A 186 33.75 -2.29 40.44
N VAL A 187 32.88 -1.37 39.97
CA VAL A 187 32.54 -1.18 38.58
C VAL A 187 33.23 0.13 38.24
N ASN A 188 34.42 0.02 37.62
CA ASN A 188 35.28 1.15 37.29
C ASN A 188 34.95 1.83 35.95
N LYS A 189 34.05 1.25 35.12
CA LYS A 189 33.64 1.81 33.83
C LYS A 189 32.13 2.08 33.84
N ILE A 190 31.74 3.39 33.76
CA ILE A 190 30.33 3.80 33.91
C ILE A 190 29.80 4.67 32.75
N ILE A 191 28.71 4.21 32.15
CA ILE A 191 28.01 4.91 31.05
C ILE A 191 26.68 5.40 31.63
N ALA A 192 26.38 6.69 31.47
CA ALA A 192 25.10 7.31 31.81
C ALA A 192 24.31 7.31 30.47
N LEU A 193 23.23 6.53 30.42
CA LEU A 193 22.40 6.40 29.23
C LEU A 193 21.06 6.99 29.58
N GLY A 194 20.65 8.06 28.88
CA GLY A 194 19.39 8.69 29.24
C GLY A 194 18.69 9.59 28.27
N HIS A 195 17.52 10.09 28.71
CA HIS A 195 16.63 10.89 27.87
C HIS A 195 16.17 12.22 28.47
N SER A 196 17.06 13.21 28.50
CA SER A 196 16.73 14.53 29.03
C SER A 196 17.14 15.71 28.12
N GLY A 197 17.84 15.40 27.04
CA GLY A 197 18.34 16.41 26.12
C GLY A 197 19.79 16.72 26.36
N PHE A 198 20.44 17.26 25.32
CA PHE A 198 21.88 17.55 25.30
C PHE A 198 22.38 18.46 26.42
N GLU A 199 21.59 19.47 26.82
CA GLU A 199 21.97 20.42 27.89
C GLU A 199 22.09 19.72 29.25
N MET A 200 21.15 18.83 29.57
CA MET A 200 21.17 18.04 30.80
C MET A 200 22.30 17.01 30.72
N ASP A 201 22.52 16.40 29.52
CA ASP A 201 23.60 15.43 29.23
C ASP A 201 24.95 16.03 29.54
N LYS A 202 25.19 17.29 29.11
CA LYS A 202 26.45 18.01 29.40
C LYS A 202 26.60 18.29 30.88
N LEU A 203 25.47 18.58 31.55
CA LEU A 203 25.40 18.85 32.99
C LEU A 203 25.75 17.61 33.81
N ILE A 204 25.16 16.42 33.44
CA ILE A 204 25.39 15.12 34.07
C ILE A 204 26.88 14.79 33.93
N ALA A 205 27.44 14.96 32.74
CA ALA A 205 28.86 14.73 32.47
C ALA A 205 29.74 15.56 33.41
N GLN A 206 29.36 16.82 33.59
CA GLN A 206 30.06 17.80 34.42
C GLN A 206 29.95 17.58 35.93
N LYS A 207 28.75 17.25 36.42
CA LYS A 207 28.44 17.17 37.83
C LYS A 207 28.46 15.75 38.45
N VAL A 208 27.91 14.72 37.78
CA VAL A 208 27.90 13.36 38.30
C VAL A 208 29.30 12.70 38.26
N ARG A 209 30.01 12.69 39.41
CA ARG A 209 31.37 12.13 39.58
C ARG A 209 31.41 10.65 39.31
N GLY A 210 32.32 10.22 38.44
CA GLY A 210 32.49 8.80 38.11
C GLY A 210 31.91 8.32 36.80
N VAL A 211 31.05 9.13 36.16
CA VAL A 211 30.44 8.84 34.87
C VAL A 211 31.55 9.04 33.84
N ASP A 212 31.73 8.05 32.96
CA ASP A 212 32.79 8.10 31.96
C ASP A 212 32.34 8.58 30.60
N VAL A 213 31.11 8.23 30.22
CA VAL A 213 30.50 8.55 28.93
C VAL A 213 29.03 8.84 29.16
N VAL A 214 28.51 9.87 28.50
CA VAL A 214 27.08 10.18 28.49
C VAL A 214 26.56 9.88 27.07
N VAL A 215 25.54 9.01 27.00
CA VAL A 215 24.80 8.66 25.77
C VAL A 215 23.38 9.25 25.97
N GLY A 216 22.97 10.17 25.10
CA GLY A 216 21.67 10.83 25.25
C GLY A 216 20.72 10.84 24.06
N GLY A 217 19.59 11.53 24.24
CA GLY A 217 18.52 11.69 23.27
C GLY A 217 17.72 12.92 23.60
N HIS A 218 16.44 12.94 23.18
CA HIS A 218 15.42 13.96 23.46
C HIS A 218 15.58 15.28 22.68
N SER A 219 16.80 15.80 22.56
CA SER A 219 17.04 17.07 21.85
C SER A 219 17.32 16.86 20.34
N ASN A 220 17.35 15.56 19.87
CA ASN A 220 17.61 15.16 18.49
C ASN A 220 18.93 15.80 18.02
N THR A 221 19.95 15.76 18.89
CA THR A 221 21.25 16.39 18.69
C THR A 221 22.14 15.63 17.74
N PHE A 222 22.51 16.32 16.66
CA PHE A 222 23.45 15.77 15.70
C PHE A 222 24.81 16.37 16.00
N LEU A 223 25.77 15.48 16.31
CA LEU A 223 27.16 15.80 16.57
C LEU A 223 28.02 15.11 15.51
N TYR A 224 29.01 15.84 14.96
CA TYR A 224 29.88 15.27 13.93
C TYR A 224 31.29 15.84 13.97
N THR A 225 32.31 15.00 13.73
CA THR A 225 33.70 15.44 13.60
C THR A 225 34.02 15.39 12.09
N GLY A 226 34.30 16.54 11.49
CA GLY A 226 34.60 16.66 10.06
C GLY A 226 33.37 17.02 9.24
N ASN A 227 33.39 16.71 7.95
CA ASN A 227 32.32 17.06 7.02
C ASN A 227 31.16 16.05 7.02
N PRO A 228 29.94 16.52 7.40
CA PRO A 228 28.79 15.62 7.56
C PRO A 228 28.28 14.90 6.31
N PRO A 229 27.74 13.68 6.44
CA PRO A 229 27.29 12.93 5.25
C PRO A 229 25.94 13.33 4.63
N SER A 230 25.06 14.04 5.39
CA SER A 230 23.72 14.41 4.94
C SER A 230 23.38 15.89 5.12
N LYS A 231 22.09 16.20 5.31
CA LYS A 231 21.56 17.56 5.40
C LYS A 231 21.59 18.13 6.84
N GLU A 232 21.83 17.30 7.84
CA GLU A 232 21.93 17.76 9.24
C GLU A 232 23.25 18.49 9.48
N VAL A 233 23.12 19.69 10.07
CA VAL A 233 24.22 20.58 10.43
C VAL A 233 24.56 20.21 11.88
N PRO A 234 25.84 19.86 12.14
CA PRO A 234 26.23 19.45 13.51
C PRO A 234 26.14 20.58 14.52
N ALA A 235 25.74 20.23 15.75
CA ALA A 235 25.60 21.12 16.92
C ALA A 235 26.94 21.25 17.69
N GLY A 236 27.92 20.43 17.30
CA GLY A 236 29.25 20.36 17.90
C GLY A 236 29.99 19.14 17.40
N LYS A 237 31.18 18.90 17.93
CA LYS A 237 32.00 17.76 17.52
C LYS A 237 31.49 16.42 18.07
N TYR A 238 31.92 15.31 17.47
CA TYR A 238 31.56 13.99 17.93
C TYR A 238 32.82 13.24 18.35
N PRO A 239 32.99 12.89 19.64
CA PRO A 239 32.06 13.16 20.77
C PRO A 239 32.20 14.59 21.22
N PHE A 240 31.26 15.07 22.03
CA PHE A 240 31.32 16.40 22.61
C PHE A 240 32.05 16.24 23.96
N ILE A 241 33.16 16.96 24.15
CA ILE A 241 33.93 16.80 25.37
C ILE A 241 33.58 17.86 26.39
N VAL A 242 33.18 17.39 27.58
CA VAL A 242 32.84 18.19 28.75
C VAL A 242 34.02 18.05 29.74
N THR A 243 34.52 19.16 30.28
CA THR A 243 35.52 19.12 31.34
C THR A 243 34.70 19.09 32.64
N SER A 244 34.65 17.93 33.30
CA SER A 244 33.87 17.74 34.52
C SER A 244 34.45 18.53 35.69
N ASP A 245 33.65 18.81 36.71
CA ASP A 245 34.08 19.47 37.93
C ASP A 245 35.17 18.69 38.72
N ASP A 246 35.21 17.35 38.61
CA ASP A 246 36.25 16.57 39.25
C ASP A 246 37.56 16.47 38.40
N GLY A 247 37.63 17.23 37.28
CA GLY A 247 38.83 17.33 36.46
C GLY A 247 39.06 16.24 35.44
N ARG A 248 37.97 15.67 34.96
CA ARG A 248 38.07 14.64 33.94
C ARG A 248 37.46 15.19 32.63
N LYS A 249 37.76 14.50 31.52
CA LYS A 249 37.26 14.84 30.20
C LYS A 249 36.22 13.78 29.94
N VAL A 250 34.96 14.20 29.88
CA VAL A 250 33.82 13.32 29.70
C VAL A 250 33.20 13.45 28.32
N PRO A 251 33.27 12.40 27.46
CA PRO A 251 32.60 12.48 26.15
C PRO A 251 31.08 12.34 26.29
N VAL A 252 30.37 13.16 25.51
CA VAL A 252 28.92 13.21 25.42
C VAL A 252 28.55 12.92 23.97
N VAL A 253 27.67 11.94 23.77
CA VAL A 253 27.22 11.54 22.43
C VAL A 253 25.70 11.50 22.28
N GLN A 254 25.25 11.74 21.06
CA GLN A 254 23.87 11.64 20.60
C GLN A 254 23.94 11.27 19.11
N ALA A 255 22.89 10.63 18.58
CA ALA A 255 22.87 10.16 17.19
C ALA A 255 21.66 10.66 16.41
N TYR A 256 21.42 12.00 16.50
CA TYR A 256 20.34 12.71 15.85
C TYR A 256 18.95 12.07 16.26
N ALA A 257 18.21 11.48 15.29
CA ALA A 257 16.90 10.87 15.49
C ALA A 257 16.48 10.01 14.32
N PHE A 258 15.36 9.30 14.51
CA PHE A 258 14.58 8.50 13.56
C PHE A 258 15.33 7.33 12.95
N GLY A 259 16.41 6.91 13.59
CA GLY A 259 17.23 5.81 13.12
C GLY A 259 17.93 6.09 11.81
N LYS A 260 18.12 7.39 11.46
CA LYS A 260 18.83 7.80 10.24
C LYS A 260 20.32 7.48 10.37
N TYR A 261 20.86 7.58 11.62
CA TYR A 261 22.25 7.34 11.97
C TYR A 261 22.42 6.30 13.05
N LEU A 262 23.58 5.65 13.05
CA LEU A 262 23.94 4.76 14.15
C LEU A 262 25.12 5.44 14.81
N GLY A 263 24.98 5.81 16.08
CA GLY A 263 26.08 6.40 16.84
C GLY A 263 27.19 5.38 16.98
N TYR A 264 28.45 5.82 17.00
CA TYR A 264 29.60 4.93 16.99
C TYR A 264 30.76 5.63 17.65
N LEU A 265 31.14 5.15 18.82
CA LEU A 265 32.22 5.73 19.60
C LEU A 265 33.10 4.64 20.14
N LYS A 266 34.39 4.70 19.79
CA LYS A 266 35.41 3.76 20.25
C LYS A 266 36.09 4.44 21.41
N ILE A 267 36.16 3.75 22.56
CA ILE A 267 36.77 4.27 23.79
C ILE A 267 37.91 3.38 24.22
N GLU A 268 39.07 3.97 24.56
CA GLU A 268 40.20 3.26 25.16
C GLU A 268 40.09 3.53 26.66
N PHE A 269 39.96 2.48 27.47
CA PHE A 269 39.91 2.63 28.92
C PHE A 269 41.25 2.13 29.46
N ASP A 270 41.69 2.65 30.61
CA ASP A 270 42.91 2.18 31.31
C ASP A 270 42.55 1.02 32.32
N GLU A 271 43.55 0.50 33.07
CA GLU A 271 43.37 -0.59 34.08
C GLU A 271 42.32 -0.20 35.14
N ARG A 272 42.16 1.12 35.36
CA ARG A 272 41.30 1.69 36.40
C ARG A 272 39.96 2.21 35.91
N GLY A 273 39.64 1.93 34.65
CA GLY A 273 38.35 2.27 34.08
C GLY A 273 38.16 3.69 33.58
N ASN A 274 39.23 4.50 33.55
CA ASN A 274 39.15 5.87 33.06
C ASN A 274 39.35 5.92 31.58
N VAL A 275 38.69 6.87 30.90
CA VAL A 275 38.78 7.07 29.45
C VAL A 275 40.14 7.70 29.13
N ILE A 276 40.92 7.02 28.31
CA ILE A 276 42.24 7.46 27.85
C ILE A 276 42.05 8.29 26.57
N SER A 277 41.18 7.79 25.68
CA SER A 277 40.86 8.40 24.40
C SER A 277 39.51 7.90 23.95
N SER A 278 38.84 8.72 23.13
CA SER A 278 37.54 8.42 22.51
C SER A 278 37.51 9.07 21.13
N HIS A 279 37.03 8.33 20.15
CA HIS A 279 36.89 8.79 18.79
C HIS A 279 35.75 8.01 18.13
N GLY A 280 35.15 8.61 17.13
CA GLY A 280 34.07 8.00 16.38
C GLY A 280 33.31 9.03 15.61
N ASN A 281 32.09 8.67 15.20
CA ASN A 281 31.16 9.50 14.44
C ASN A 281 29.84 8.74 14.20
N PRO A 282 28.68 9.42 14.08
CA PRO A 282 27.45 8.69 13.71
C PRO A 282 27.57 8.17 12.26
N ILE A 283 27.17 6.92 12.04
CA ILE A 283 27.20 6.26 10.73
C ILE A 283 25.88 6.52 10.02
N LEU A 284 25.92 7.14 8.84
CA LEU A 284 24.71 7.39 8.09
C LEU A 284 24.22 6.07 7.54
N LEU A 285 23.00 5.73 7.87
CA LEU A 285 22.37 4.49 7.45
C LEU A 285 21.73 4.68 6.06
N ASP A 286 22.57 4.86 5.03
CA ASP A 286 22.12 5.06 3.65
C ASP A 286 22.07 3.76 2.84
N SER A 287 21.74 3.86 1.54
CA SER A 287 21.61 2.79 0.52
C SER A 287 22.84 1.91 0.37
N SER A 288 24.04 2.42 0.71
CA SER A 288 25.30 1.67 0.62
C SER A 288 25.40 0.53 1.67
N ILE A 289 24.45 0.48 2.63
CA ILE A 289 24.33 -0.55 3.66
C ILE A 289 23.03 -1.32 3.35
N PRO A 290 23.11 -2.62 3.03
CA PRO A 290 21.88 -3.32 2.62
C PRO A 290 20.95 -3.66 3.78
N GLU A 291 19.64 -3.67 3.51
CA GLU A 291 18.68 -4.10 4.53
C GLU A 291 18.91 -5.62 4.79
N ASP A 292 18.88 -6.05 6.06
CA ASP A 292 19.08 -7.48 6.34
C ASP A 292 17.87 -8.25 5.79
N PRO A 293 18.08 -9.26 4.92
CA PRO A 293 16.94 -9.97 4.33
C PRO A 293 15.99 -10.59 5.35
N SER A 294 16.55 -11.20 6.43
CA SER A 294 15.74 -11.82 7.49
C SER A 294 14.90 -10.79 8.23
N ILE A 295 15.50 -9.68 8.72
CA ILE A 295 14.74 -8.62 9.40
C ILE A 295 13.71 -8.00 8.46
N LYS A 296 14.12 -7.64 7.22
CA LYS A 296 13.28 -7.07 6.16
C LYS A 296 12.04 -7.93 5.92
N ALA A 297 12.24 -9.27 5.74
CA ALA A 297 11.12 -10.19 5.51
C ALA A 297 10.14 -10.16 6.69
N ASP A 298 10.68 -10.12 7.94
CA ASP A 298 9.88 -10.05 9.17
C ASP A 298 9.14 -8.70 9.27
N ILE A 299 9.74 -7.59 8.79
CA ILE A 299 9.12 -6.25 8.75
C ILE A 299 7.92 -6.28 7.79
N ASN A 300 8.08 -6.98 6.65
CA ASN A 300 7.05 -7.15 5.64
C ASN A 300 5.86 -7.97 6.18
N LYS A 301 6.12 -8.94 7.10
CA LYS A 301 5.05 -9.75 7.72
C LYS A 301 4.24 -8.85 8.68
N TRP A 302 4.95 -8.02 9.46
CA TRP A 302 4.37 -7.08 10.39
C TRP A 302 3.68 -5.91 9.65
N ARG A 303 4.08 -5.62 8.40
CA ARG A 303 3.51 -4.53 7.57
C ARG A 303 2.09 -4.85 7.02
N ILE A 304 1.75 -6.16 6.82
CA ILE A 304 0.44 -6.59 6.32
C ILE A 304 -0.68 -5.84 7.03
N LYS A 305 -0.61 -5.77 8.37
CA LYS A 305 -1.59 -5.14 9.27
C LYS A 305 -1.69 -3.62 9.12
N LEU A 306 -0.56 -2.94 8.76
CA LEU A 306 -0.55 -1.49 8.58
C LEU A 306 -1.14 -1.17 7.22
N ASP A 307 -0.95 -2.10 6.26
CA ASP A 307 -1.47 -2.00 4.91
C ASP A 307 -3.00 -2.09 4.88
N ASP A 308 -3.64 -2.60 5.98
CA ASP A 308 -5.09 -2.71 6.11
C ASP A 308 -5.79 -1.35 6.02
N TYR A 309 -5.03 -0.25 6.31
CA TYR A 309 -5.44 1.16 6.22
C TYR A 309 -5.75 1.50 4.76
N SER A 310 -6.57 2.54 4.54
CA SER A 310 -6.90 2.95 3.19
C SER A 310 -5.73 3.70 2.58
N THR A 311 -5.35 3.29 1.36
CA THR A 311 -4.28 3.90 0.57
C THR A 311 -4.88 5.06 -0.24
N GLN A 312 -6.09 5.49 0.19
CA GLN A 312 -6.96 6.55 -0.32
C GLN A 312 -6.26 7.88 -0.08
N GLU A 313 -6.14 8.72 -1.14
CA GLU A 313 -5.48 10.00 -1.00
C GLU A 313 -6.45 11.08 -0.55
N LEU A 314 -6.11 11.69 0.59
CA LEU A 314 -6.89 12.76 1.18
C LEU A 314 -6.77 14.04 0.33
N GLY A 315 -5.68 14.16 -0.41
CA GLY A 315 -5.44 15.28 -1.31
C GLY A 315 -4.06 15.30 -1.91
N LYS A 316 -3.70 16.48 -2.46
CA LYS A 316 -2.41 16.70 -3.09
C LYS A 316 -1.76 17.98 -2.59
N THR A 317 -0.43 17.97 -2.52
CA THR A 317 0.38 19.12 -2.16
C THR A 317 1.32 19.44 -3.35
N ILE A 318 1.35 20.71 -3.78
CA ILE A 318 2.21 21.12 -4.88
C ILE A 318 3.52 21.74 -4.36
N VAL A 319 3.63 21.82 -3.02
CA VAL A 319 4.76 22.37 -2.25
C VAL A 319 5.20 21.34 -1.19
N TYR A 320 6.47 21.46 -0.76
CA TYR A 320 7.01 20.63 0.30
C TYR A 320 6.40 21.15 1.59
N LEU A 321 5.83 20.25 2.38
CA LEU A 321 5.19 20.63 3.62
C LEU A 321 6.27 20.45 4.67
N ASP A 322 6.96 21.54 5.02
CA ASP A 322 8.07 21.48 5.97
C ASP A 322 7.61 21.31 7.42
N GLY A 323 7.57 20.04 7.85
CA GLY A 323 7.18 19.67 9.21
C GLY A 323 8.37 19.23 10.05
N SER A 324 9.63 19.61 9.62
CA SER A 324 10.85 19.28 10.37
C SER A 324 10.96 20.16 11.62
N SER A 325 11.71 19.69 12.61
CA SER A 325 11.91 20.40 13.88
C SER A 325 12.85 21.61 13.76
N GLN A 326 13.84 21.51 12.89
CA GLN A 326 14.84 22.57 12.68
C GLN A 326 14.23 23.76 12.00
N SER A 327 12.99 23.61 11.49
CA SER A 327 12.16 24.68 10.96
C SER A 327 11.08 25.10 11.99
N CYS A 328 10.14 24.17 12.31
CA CYS A 328 8.95 24.40 13.16
C CYS A 328 9.24 24.79 14.61
N ARG A 329 10.46 24.56 15.10
CA ARG A 329 10.86 24.92 16.46
C ARG A 329 11.77 26.15 16.45
N PHE A 330 12.10 26.69 15.24
CA PHE A 330 13.00 27.82 15.09
C PHE A 330 12.39 29.01 14.38
N ARG A 331 11.47 28.76 13.47
CA ARG A 331 10.82 29.84 12.72
C ARG A 331 9.47 29.38 12.20
N GLU A 332 8.78 30.30 11.45
CA GLU A 332 7.51 30.00 10.79
C GLU A 332 7.76 28.87 9.77
N CYS A 333 6.97 27.78 9.87
CA CYS A 333 7.09 26.64 8.95
C CYS A 333 5.71 26.40 8.32
N ASN A 334 5.67 26.25 6.97
CA ASN A 334 4.43 26.11 6.20
C ASN A 334 3.54 24.96 6.65
N MET A 335 4.10 23.90 7.30
CA MET A 335 3.27 22.82 7.85
C MET A 335 2.41 23.36 9.03
N GLY A 336 3.02 24.21 9.86
CA GLY A 336 2.37 24.85 11.00
C GLY A 336 1.21 25.74 10.56
N ASN A 337 1.42 26.51 9.47
CA ASN A 337 0.42 27.38 8.86
C ASN A 337 -0.76 26.56 8.35
N LEU A 338 -0.46 25.44 7.65
CA LEU A 338 -1.48 24.51 7.15
C LEU A 338 -2.37 23.99 8.29
N ILE A 339 -1.75 23.51 9.39
CA ILE A 339 -2.48 22.95 10.54
C ILE A 339 -3.27 24.02 11.23
N CYS A 340 -2.71 25.25 11.33
CA CYS A 340 -3.45 26.36 11.95
C CYS A 340 -4.64 26.82 11.11
N ASP A 341 -4.50 26.77 9.78
CA ASP A 341 -5.57 27.11 8.85
C ASP A 341 -6.68 26.07 8.89
N ALA A 342 -6.30 24.79 9.09
CA ALA A 342 -7.20 23.64 9.23
C ALA A 342 -8.02 23.79 10.54
N MET A 343 -7.33 24.19 11.61
CA MET A 343 -7.87 24.48 12.94
C MET A 343 -8.93 25.57 12.88
N ILE A 344 -8.58 26.73 12.29
CA ILE A 344 -9.47 27.91 12.18
C ILE A 344 -10.68 27.60 11.30
N ASN A 345 -10.44 26.94 10.13
CA ASN A 345 -11.46 26.56 9.16
C ASN A 345 -12.49 25.64 9.79
N ASN A 346 -12.02 24.62 10.52
CA ASN A 346 -12.87 23.66 11.21
C ASN A 346 -13.83 24.35 12.16
N ASN A 347 -13.33 25.31 12.96
CA ASN A 347 -14.13 26.03 13.95
C ASN A 347 -14.99 27.15 13.36
N LEU A 348 -14.55 27.81 12.25
CA LEU A 348 -15.35 28.87 11.59
C LEU A 348 -16.47 28.33 10.72
N ARG A 349 -16.37 27.04 10.35
CA ARG A 349 -17.35 26.32 9.54
C ARG A 349 -18.68 26.13 10.30
N HIS A 350 -18.60 25.88 11.62
CA HIS A 350 -19.78 25.63 12.46
C HIS A 350 -20.13 26.78 13.43
N ALA A 351 -19.68 28.02 13.12
CA ALA A 351 -19.94 29.21 13.94
C ALA A 351 -20.15 30.47 13.12
N TRP A 356 -19.29 36.90 18.29
CA TRP A 356 -18.88 35.80 19.17
C TRP A 356 -19.20 34.41 18.56
N ASN A 357 -18.37 33.40 18.95
CA ASN A 357 -18.24 32.00 18.49
C ASN A 357 -17.22 31.99 17.33
N HIS A 358 -17.00 33.21 16.74
CA HIS A 358 -16.05 33.61 15.70
C HIS A 358 -14.64 33.44 16.28
N VAL A 359 -13.86 32.51 15.71
CA VAL A 359 -12.49 32.20 16.15
C VAL A 359 -11.49 32.50 15.05
N SER A 360 -10.67 33.52 15.25
CA SER A 360 -9.73 33.94 14.21
C SER A 360 -8.28 33.57 14.47
N MET A 361 -7.94 33.28 15.73
CA MET A 361 -6.58 32.99 16.16
C MET A 361 -6.30 31.51 16.46
N CYS A 362 -5.06 31.10 16.18
CA CYS A 362 -4.53 29.76 16.39
C CYS A 362 -3.11 29.81 16.93
N ILE A 363 -2.80 28.99 17.93
CA ILE A 363 -1.42 28.75 18.42
C ILE A 363 -1.18 27.24 18.37
N LEU A 364 0.09 26.83 18.16
CA LEU A 364 0.41 25.41 17.97
C LEU A 364 1.91 25.17 18.24
N ASN A 365 2.24 24.47 19.34
CA ASN A 365 3.62 24.13 19.71
C ASN A 365 4.28 23.39 18.54
N GLY A 366 5.29 24.00 17.93
CA GLY A 366 6.04 23.44 16.81
C GLY A 366 6.54 22.03 17.07
N GLY A 367 6.83 21.74 18.33
CA GLY A 367 7.28 20.41 18.75
C GLY A 367 6.23 19.32 18.57
N GLY A 368 4.97 19.71 18.42
CA GLY A 368 3.85 18.80 18.19
C GLY A 368 3.69 18.41 16.73
N ILE A 369 4.58 18.96 15.84
CA ILE A 369 4.70 18.68 14.40
C ILE A 369 5.84 17.69 14.31
N ARG A 370 5.51 16.46 13.91
CA ARG A 370 6.38 15.33 14.03
C ARG A 370 7.02 14.81 12.75
N SER A 371 6.64 15.34 11.58
CA SER A 371 7.20 14.91 10.30
C SER A 371 6.87 15.87 9.17
N PRO A 372 7.72 15.96 8.13
CA PRO A 372 7.31 16.74 6.94
C PRO A 372 6.52 15.81 6.01
N ILE A 373 6.01 16.34 4.88
CA ILE A 373 5.34 15.55 3.84
C ILE A 373 5.98 15.94 2.51
N ASP A 374 6.48 14.95 1.77
CA ASP A 374 7.07 15.22 0.48
C ASP A 374 5.96 15.42 -0.58
N GLU A 375 6.26 16.25 -1.61
CA GLU A 375 5.33 16.57 -2.69
C GLU A 375 5.70 15.89 -4.02
N ARG A 376 6.88 15.25 -4.11
CA ARG A 376 7.33 14.63 -5.35
C ARG A 376 6.66 13.25 -5.66
N ASN A 377 5.87 12.71 -4.72
CA ASN A 377 5.14 11.43 -4.84
C ASN A 377 3.82 11.64 -5.65
N ASP A 378 3.86 12.56 -6.65
CA ASP A 378 2.72 13.04 -7.44
C ASP A 378 1.84 13.96 -6.53
N GLY A 379 2.43 14.36 -5.39
CA GLY A 379 1.82 15.24 -4.37
C GLY A 379 0.93 14.57 -3.35
N THR A 380 0.65 13.28 -3.56
CA THR A 380 -0.24 12.44 -2.75
C THR A 380 0.02 12.53 -1.25
N ILE A 381 -1.07 12.73 -0.48
CA ILE A 381 -1.12 12.76 0.97
C ILE A 381 -2.15 11.70 1.37
N THR A 382 -1.72 10.72 2.17
CA THR A 382 -2.60 9.65 2.65
C THR A 382 -2.72 9.79 4.17
N TRP A 383 -3.57 8.99 4.82
CA TRP A 383 -3.73 9.00 6.28
C TRP A 383 -2.42 8.65 6.95
N GLU A 384 -1.65 7.71 6.37
CA GLU A 384 -0.34 7.27 6.88
C GLU A 384 0.64 8.44 6.92
N ASN A 385 0.67 9.29 5.88
CA ASN A 385 1.54 10.47 5.82
C ASN A 385 1.19 11.45 6.92
N LEU A 386 -0.12 11.66 7.15
CA LEU A 386 -0.68 12.57 8.14
C LEU A 386 -0.46 12.07 9.55
N ALA A 387 -0.56 10.75 9.76
CA ALA A 387 -0.38 10.13 11.06
C ALA A 387 1.04 10.27 11.58
N ALA A 388 2.01 10.51 10.68
CA ALA A 388 3.39 10.74 11.09
C ALA A 388 3.58 12.22 11.47
N VAL A 389 2.74 13.11 10.94
CA VAL A 389 2.76 14.54 11.24
C VAL A 389 2.07 14.76 12.60
N LEU A 390 0.87 14.16 12.77
CA LEU A 390 0.04 14.29 13.98
C LEU A 390 -0.19 12.89 14.62
N PRO A 391 0.80 12.36 15.35
CA PRO A 391 0.64 11.02 15.95
C PRO A 391 0.05 10.92 17.35
N PHE A 392 -0.09 12.06 18.07
CA PHE A 392 -0.45 12.07 19.48
C PHE A 392 -1.92 11.84 19.83
N GLY A 393 -2.81 11.82 18.84
CA GLY A 393 -4.24 11.58 19.06
C GLY A 393 -4.94 12.62 19.93
N GLY A 394 -4.55 13.88 19.77
CA GLY A 394 -5.10 14.99 20.52
C GLY A 394 -6.27 15.64 19.83
N THR A 395 -6.75 16.72 20.41
CA THR A 395 -7.89 17.45 19.86
C THR A 395 -7.52 18.92 19.72
N PHE A 396 -8.21 19.64 18.82
CA PHE A 396 -7.99 21.08 18.62
C PHE A 396 -9.06 21.85 19.36
N ASP A 397 -8.75 22.21 20.61
CA ASP A 397 -9.65 22.87 21.58
C ASP A 397 -9.83 24.40 21.44
N LEU A 398 -11.01 24.90 21.87
CA LEU A 398 -11.38 26.33 21.88
C LEU A 398 -11.11 26.89 23.27
N VAL A 399 -10.33 27.97 23.32
CA VAL A 399 -9.99 28.59 24.59
C VAL A 399 -10.26 30.11 24.53
N GLN A 400 -10.51 30.70 25.70
CA GLN A 400 -10.77 32.14 25.84
C GLN A 400 -9.68 32.67 26.75
N LEU A 401 -8.91 33.61 26.22
CA LEU A 401 -7.75 34.13 26.93
C LEU A 401 -7.71 35.64 26.92
N LYS A 402 -7.10 36.20 27.97
CA LYS A 402 -6.81 37.63 28.12
C LYS A 402 -5.57 37.87 27.25
N GLY A 403 -5.42 39.08 26.71
CA GLY A 403 -4.28 39.49 25.91
C GLY A 403 -2.96 39.36 26.63
N SER A 404 -2.97 39.60 27.96
CA SER A 404 -1.83 39.51 28.87
C SER A 404 -1.34 38.08 29.01
N THR A 405 -2.28 37.08 28.99
CA THR A 405 -1.99 35.64 29.07
C THR A 405 -1.33 35.22 27.74
N LEU A 406 -1.85 35.75 26.63
CA LEU A 406 -1.34 35.50 25.28
C LEU A 406 0.03 36.10 25.07
N LYS A 407 0.29 37.29 25.65
CA LYS A 407 1.58 37.96 25.60
C LYS A 407 2.57 37.08 26.38
N LYS A 408 2.13 36.53 27.53
CA LYS A 408 2.92 35.60 28.37
C LYS A 408 3.27 34.31 27.61
N ALA A 409 2.25 33.69 26.95
CA ALA A 409 2.43 32.48 26.12
C ALA A 409 3.47 32.74 25.02
N PHE A 410 3.43 33.94 24.39
CA PHE A 410 4.39 34.29 23.32
C PHE A 410 5.79 34.56 23.83
N GLU A 411 5.90 34.97 25.10
CA GLU A 411 7.18 35.19 25.77
C GLU A 411 7.80 33.85 26.14
N HIS A 412 6.94 32.88 26.47
CA HIS A 412 7.33 31.51 26.82
C HIS A 412 7.80 30.77 25.57
N SER A 413 7.17 31.06 24.42
CA SER A 413 7.46 30.47 23.10
C SER A 413 8.94 30.60 22.75
N VAL A 414 9.60 31.71 23.17
CA VAL A 414 11.00 32.06 22.88
C VAL A 414 11.88 32.21 24.15
N HIS A 415 11.31 31.94 25.35
CA HIS A 415 12.05 32.14 26.60
C HIS A 415 13.44 31.45 26.62
N ARG A 416 13.57 30.24 26.03
CA ARG A 416 14.86 29.55 25.97
C ARG A 416 15.26 29.21 24.52
N TYR A 417 14.89 30.09 23.57
CA TYR A 417 15.12 29.91 22.14
C TYR A 417 16.57 29.53 21.80
N GLY A 418 16.72 28.53 20.91
CA GLY A 418 18.00 28.03 20.46
C GLY A 418 18.29 26.59 20.82
N GLN A 419 17.53 26.03 21.78
CA GLN A 419 17.73 24.67 22.29
C GLN A 419 16.90 23.59 21.60
N SER A 420 16.10 23.95 20.58
CA SER A 420 15.27 23.03 19.80
C SER A 420 14.13 22.48 20.66
N THR A 421 13.73 23.25 21.67
CA THR A 421 12.61 22.89 22.52
C THR A 421 11.31 23.11 21.74
N GLY A 422 10.34 22.26 22.05
CA GLY A 422 9.06 22.20 21.35
C GLY A 422 8.07 23.32 21.55
N GLU A 423 8.27 24.16 22.59
CA GLU A 423 7.31 25.21 22.94
C GLU A 423 7.17 26.35 21.91
N PHE A 424 8.14 26.56 21.01
CA PHE A 424 8.06 27.60 19.96
C PHE A 424 6.76 27.43 19.21
N LEU A 425 5.95 28.50 19.10
CA LEU A 425 4.61 28.44 18.51
C LEU A 425 4.49 28.72 17.04
N GLN A 426 3.67 27.88 16.39
CA GLN A 426 3.20 28.06 15.01
C GLN A 426 1.84 28.73 15.18
N VAL A 427 1.49 29.68 14.28
CA VAL A 427 0.31 30.54 14.48
C VAL A 427 -0.63 30.66 13.26
N GLY A 428 -1.83 31.17 13.55
CA GLY A 428 -2.90 31.47 12.60
C GLY A 428 -3.62 32.70 13.11
N GLY A 429 -3.89 33.64 12.22
CA GLY A 429 -4.57 34.90 12.54
C GLY A 429 -3.88 35.79 13.54
N ILE A 430 -2.53 35.65 13.62
CA ILE A 430 -1.59 36.35 14.51
C ILE A 430 -0.35 36.72 13.69
N HIS A 431 0.18 37.93 13.92
CA HIS A 431 1.42 38.44 13.30
C HIS A 431 2.32 38.86 14.46
N VAL A 432 3.30 38.02 14.80
CA VAL A 432 4.24 38.23 15.89
C VAL A 432 5.65 38.52 15.35
N VAL A 433 6.36 39.42 16.05
CA VAL A 433 7.75 39.83 15.75
C VAL A 433 8.49 39.73 17.08
N TYR A 434 9.64 39.02 17.07
CA TYR A 434 10.50 38.80 18.24
C TYR A 434 11.84 39.52 18.06
N ASP A 435 12.46 39.88 19.19
CA ASP A 435 13.81 40.47 19.22
C ASP A 435 14.57 39.62 20.23
N LEU A 436 15.34 38.64 19.72
CA LEU A 436 16.09 37.71 20.57
C LEU A 436 17.26 38.37 21.36
N SER A 437 17.65 39.63 21.00
CA SER A 437 18.72 40.37 21.69
C SER A 437 18.25 40.73 23.10
N ARG A 438 16.92 40.88 23.25
CA ARG A 438 16.25 41.22 24.50
C ARG A 438 16.20 40.04 25.46
N LYS A 439 16.17 40.34 26.75
CA LYS A 439 16.16 39.40 27.87
C LYS A 439 14.89 38.53 27.82
N PRO A 440 14.95 37.23 28.24
CA PRO A 440 13.73 36.39 28.21
C PRO A 440 12.57 36.99 29.01
N GLY A 441 11.36 36.89 28.47
CA GLY A 441 10.17 37.44 29.08
C GLY A 441 9.84 38.82 28.56
N ASP A 442 10.75 39.39 27.72
CA ASP A 442 10.57 40.71 27.10
C ASP A 442 11.09 40.69 25.63
N ARG A 443 10.86 39.56 24.93
CA ARG A 443 11.32 39.36 23.55
C ARG A 443 10.27 39.70 22.47
N VAL A 444 8.95 39.72 22.83
CA VAL A 444 7.87 40.06 21.89
C VAL A 444 7.87 41.57 21.67
N VAL A 445 8.24 42.02 20.44
CA VAL A 445 8.27 43.47 20.11
C VAL A 445 7.02 43.95 19.31
N LYS A 446 6.25 42.99 18.74
CA LYS A 446 5.03 43.22 17.99
C LYS A 446 4.15 41.96 18.07
N LEU A 447 2.86 42.14 18.33
CA LEU A 447 1.87 41.09 18.44
C LEU A 447 0.53 41.68 17.97
N ASP A 448 0.22 41.49 16.69
CA ASP A 448 -1.04 41.95 16.11
C ASP A 448 -1.88 40.71 15.90
N VAL A 449 -3.18 40.85 16.05
CA VAL A 449 -4.13 39.74 15.97
C VAL A 449 -5.31 40.17 15.11
N LEU A 450 -5.96 39.22 14.49
CA LEU A 450 -7.09 39.40 13.61
C LEU A 450 -8.30 39.75 14.42
N CYS A 451 -8.91 40.93 14.21
CA CYS A 451 -10.09 41.32 14.97
C CYS A 451 -11.31 40.41 14.69
N THR A 452 -12.23 40.33 15.67
CA THR A 452 -13.46 39.55 15.55
C THR A 452 -14.66 40.48 15.53
N LYS A 453 -14.65 41.49 16.47
CA LYS A 453 -15.64 42.57 16.63
C LYS A 453 -15.34 43.67 15.58
N CYS A 454 -15.53 43.28 14.30
CA CYS A 454 -15.29 44.05 13.08
C CYS A 454 -15.92 43.27 11.95
N ARG A 455 -16.47 44.00 10.99
CA ARG A 455 -17.14 43.40 9.84
C ARG A 455 -16.12 42.92 8.85
N VAL A 456 -15.00 43.67 8.76
CA VAL A 456 -13.84 43.38 7.91
C VAL A 456 -12.68 43.09 8.86
N PRO A 457 -12.27 41.80 8.93
CA PRO A 457 -11.13 41.42 9.80
C PRO A 457 -9.80 42.00 9.33
N SER A 458 -9.08 42.64 10.27
CA SER A 458 -7.76 43.24 10.03
C SER A 458 -6.85 42.99 11.24
N TYR A 459 -5.54 43.27 11.11
CA TYR A 459 -4.60 43.05 12.20
C TYR A 459 -4.42 44.29 13.08
N ASP A 460 -4.79 44.13 14.35
CA ASP A 460 -4.69 45.20 15.34
C ASP A 460 -3.80 44.79 16.47
N PRO A 461 -3.06 45.75 17.08
CA PRO A 461 -2.21 45.40 18.23
C PRO A 461 -2.97 44.68 19.32
N LEU A 462 -2.38 43.64 19.88
CA LEU A 462 -3.03 42.89 20.94
C LEU A 462 -3.14 43.75 22.21
N LYS A 463 -4.34 43.81 22.79
CA LYS A 463 -4.64 44.59 23.99
C LYS A 463 -4.60 43.66 25.20
N MET A 464 -3.81 44.04 26.22
CA MET A 464 -3.61 43.25 27.44
C MET A 464 -4.91 42.90 28.16
N ASP A 465 -5.81 43.90 28.27
CA ASP A 465 -7.10 43.86 28.98
C ASP A 465 -8.29 43.29 28.17
N GLU A 466 -8.06 42.92 26.90
CA GLU A 466 -9.08 42.38 25.99
C GLU A 466 -9.11 40.84 26.06
N VAL A 467 -10.24 40.23 25.62
CA VAL A 467 -10.45 38.79 25.60
C VAL A 467 -10.47 38.31 24.19
N TYR A 468 -9.76 37.21 23.94
CA TYR A 468 -9.55 36.57 22.63
C TYR A 468 -9.90 35.09 22.66
N LYS A 469 -10.45 34.59 21.53
CA LYS A 469 -10.84 33.20 21.33
C LYS A 469 -9.75 32.55 20.44
N VAL A 470 -8.98 31.64 21.05
CA VAL A 470 -7.83 30.95 20.45
C VAL A 470 -8.08 29.46 20.27
N ILE A 471 -7.72 28.93 19.08
CA ILE A 471 -7.77 27.50 18.81
C ILE A 471 -6.34 26.98 19.00
N LEU A 472 -6.20 25.98 19.85
CA LEU A 472 -4.94 25.36 20.21
C LEU A 472 -5.10 23.87 20.53
N PRO A 473 -4.02 23.04 20.40
CA PRO A 473 -4.15 21.62 20.77
C PRO A 473 -4.46 21.46 22.26
N ASN A 474 -5.19 20.38 22.64
CA ASN A 474 -5.52 20.09 24.05
C ASN A 474 -4.31 20.10 24.96
N PHE A 475 -3.17 19.59 24.45
CA PHE A 475 -1.88 19.56 25.13
C PHE A 475 -1.52 20.93 25.74
N LEU A 476 -1.70 22.01 24.96
CA LEU A 476 -1.43 23.40 25.36
C LEU A 476 -2.49 23.94 26.31
N ALA A 477 -3.78 23.71 25.97
CA ALA A 477 -4.95 24.12 26.76
C ALA A 477 -4.87 23.55 28.18
N ASN A 478 -4.23 22.35 28.34
CA ASN A 478 -4.03 21.71 29.64
C ASN A 478 -2.66 22.08 30.28
N GLY A 479 -2.11 23.24 29.89
CA GLY A 479 -0.86 23.79 30.42
C GLY A 479 0.41 23.04 30.11
N GLY A 480 0.37 22.20 29.09
CA GLY A 480 1.52 21.45 28.60
C GLY A 480 2.57 22.37 27.98
N ASP A 481 3.79 21.85 27.86
CA ASP A 481 4.98 22.52 27.33
C ASP A 481 5.42 23.74 28.14
N GLY A 482 5.04 23.79 29.42
CA GLY A 482 5.39 24.88 30.32
C GLY A 482 4.49 26.08 30.23
N PHE A 483 3.41 25.96 29.42
CA PHE A 483 2.41 27.00 29.24
C PHE A 483 1.38 27.01 30.43
N GLN A 484 1.91 27.18 31.68
CA GLN A 484 1.15 27.22 32.94
C GLN A 484 0.13 28.32 32.92
N MET A 485 0.47 29.46 32.29
CA MET A 485 -0.39 30.62 32.18
C MET A 485 -1.68 30.31 31.43
N ILE A 486 -1.67 29.37 30.45
CA ILE A 486 -2.90 29.03 29.71
C ILE A 486 -3.87 28.30 30.64
N LYS A 487 -3.49 27.14 31.19
CA LYS A 487 -4.35 26.38 32.12
C LYS A 487 -4.82 27.24 33.33
N ASP A 488 -3.91 28.07 33.89
CA ASP A 488 -4.21 28.90 35.06
C ASP A 488 -4.99 30.17 34.78
N GLU A 489 -4.73 30.83 33.65
CA GLU A 489 -5.38 32.11 33.35
C GLU A 489 -6.55 32.03 32.34
N LEU A 490 -6.79 30.85 31.70
CA LEU A 490 -7.88 30.75 30.71
C LEU A 490 -9.23 31.05 31.33
N LEU A 491 -10.11 31.73 30.58
CA LEU A 491 -11.44 32.11 31.08
C LEU A 491 -12.52 31.10 30.70
N ARG A 492 -12.33 30.35 29.62
CA ARG A 492 -13.22 29.28 29.14
C ARG A 492 -12.38 28.34 28.26
N HIS A 493 -12.63 27.03 28.36
CA HIS A 493 -11.97 25.96 27.61
C HIS A 493 -13.04 24.98 27.15
N ASP A 494 -13.12 24.74 25.85
CA ASP A 494 -14.06 23.80 25.25
C ASP A 494 -13.31 22.81 24.39
N SER A 495 -13.63 21.51 24.53
CA SER A 495 -12.99 20.43 23.78
C SER A 495 -13.36 20.51 22.31
N GLY A 496 -12.39 20.21 21.45
CA GLY A 496 -12.58 20.25 20.01
C GLY A 496 -12.49 18.90 19.34
N ASP A 497 -12.49 18.90 18.01
CA ASP A 497 -12.40 17.69 17.21
C ASP A 497 -10.99 17.12 17.21
N GLN A 498 -10.85 15.83 16.88
CA GLN A 498 -9.59 15.10 16.81
C GLN A 498 -8.67 15.71 15.75
N ASP A 499 -7.43 16.03 16.15
CA ASP A 499 -6.39 16.74 15.39
C ASP A 499 -6.16 16.26 13.94
N ILE A 500 -5.98 14.96 13.74
CA ILE A 500 -5.74 14.34 12.43
C ILE A 500 -6.98 14.45 11.53
N ASN A 501 -8.17 14.31 12.14
CA ASN A 501 -9.45 14.41 11.43
C ASN A 501 -9.70 15.83 10.94
N VAL A 502 -9.32 16.85 11.74
CA VAL A 502 -9.44 18.26 11.37
C VAL A 502 -8.59 18.57 10.12
N VAL A 503 -7.33 18.11 10.10
CA VAL A 503 -6.40 18.35 9.01
C VAL A 503 -6.78 17.56 7.73
N SER A 504 -7.11 16.25 7.87
CA SER A 504 -7.55 15.42 6.72
C SER A 504 -8.83 15.95 6.04
N THR A 505 -9.84 16.42 6.84
CA THR A 505 -11.07 16.97 6.25
C THR A 505 -10.77 18.30 5.53
N TYR A 506 -9.83 19.11 6.06
CA TYR A 506 -9.37 20.34 5.42
C TYR A 506 -8.69 20.01 4.08
N ILE A 507 -7.70 19.08 4.09
CA ILE A 507 -6.98 18.67 2.87
C ILE A 507 -7.98 18.17 1.81
N SER A 508 -8.95 17.32 2.22
CA SER A 508 -10.02 16.80 1.37
C SER A 508 -10.91 17.91 0.75
N LYS A 509 -11.18 18.98 1.51
CA LYS A 509 -12.00 20.13 1.07
C LYS A 509 -11.20 20.97 0.06
N MET A 510 -9.90 21.20 0.34
CA MET A 510 -9.02 22.00 -0.51
C MET A 510 -8.54 21.28 -1.79
N LYS A 511 -8.41 19.94 -1.73
CA LYS A 511 -7.99 19.06 -2.82
C LYS A 511 -6.52 19.26 -3.18
N VAL A 512 -6.11 20.49 -3.56
CA VAL A 512 -4.72 20.85 -3.84
C VAL A 512 -4.28 21.94 -2.85
N ILE A 513 -3.26 21.67 -2.03
CA ILE A 513 -2.77 22.63 -1.04
C ILE A 513 -1.37 23.15 -1.40
N TYR A 514 -1.09 24.37 -0.96
CA TYR A 514 0.17 25.07 -1.22
C TYR A 514 0.51 26.08 -0.09
N PRO A 515 0.62 25.64 1.20
CA PRO A 515 0.97 26.61 2.25
C PRO A 515 2.36 27.21 2.06
N ALA A 516 2.46 28.48 2.49
CA ALA A 516 3.68 29.26 2.35
C ALA A 516 4.10 29.82 3.68
N VAL A 517 5.37 30.20 3.79
CA VAL A 517 5.95 30.94 4.92
C VAL A 517 5.68 32.40 4.48
N GLU A 518 4.77 33.06 5.17
CA GLU A 518 4.32 34.37 4.69
C GLU A 518 4.52 35.57 5.65
N GLY A 519 5.20 35.38 6.79
CA GLY A 519 5.46 36.51 7.68
C GLY A 519 4.60 36.58 8.91
N ARG A 520 4.00 35.45 9.30
CA ARG A 520 3.19 35.35 10.52
C ARG A 520 4.13 35.50 11.72
N ILE A 521 5.39 35.06 11.56
CA ILE A 521 6.45 35.13 12.58
C ILE A 521 7.69 35.78 12.01
N LYS A 522 8.14 36.88 12.64
CA LYS A 522 9.33 37.59 12.20
C LYS A 522 10.31 37.78 13.36
N PHE A 523 11.60 38.03 13.02
CA PHE A 523 12.70 38.26 13.97
C PHE A 523 13.45 39.55 13.56
N SER A 524 13.63 40.50 14.51
CA SER A 524 14.30 41.79 14.27
C SER A 524 15.79 41.76 14.59
N MET B 1 23.33 -26.95 -12.12
CA MET B 1 22.02 -26.31 -12.33
C MET B 1 20.94 -27.31 -12.86
N TRP B 2 19.66 -26.97 -12.66
CA TRP B 2 18.52 -27.81 -13.03
C TRP B 2 17.56 -26.99 -13.88
N GLU B 3 17.29 -27.46 -15.10
CA GLU B 3 16.42 -26.76 -16.05
C GLU B 3 14.96 -27.29 -16.10
N LEU B 4 13.98 -26.36 -16.11
CA LEU B 4 12.57 -26.66 -16.18
C LEU B 4 11.96 -25.91 -17.38
N THR B 5 11.13 -26.62 -18.17
CA THR B 5 10.39 -26.02 -19.27
C THR B 5 8.93 -25.92 -18.82
N ILE B 6 8.42 -24.67 -18.67
CA ILE B 6 7.04 -24.45 -18.33
C ILE B 6 6.26 -24.17 -19.59
N LEU B 7 5.34 -25.08 -19.91
CA LEU B 7 4.41 -24.93 -21.04
C LEU B 7 3.10 -24.47 -20.44
N HIS B 8 2.50 -23.43 -20.99
CA HIS B 8 1.31 -22.90 -20.33
C HIS B 8 0.28 -22.28 -21.28
N THR B 9 -1.00 -22.43 -20.88
CA THR B 9 -2.19 -21.87 -21.56
C THR B 9 -3.07 -21.21 -20.50
N ASN B 10 -3.79 -20.17 -20.90
CA ASN B 10 -4.71 -19.44 -20.05
C ASN B 10 -5.79 -18.87 -20.93
N ASP B 11 -7.01 -18.75 -20.38
CA ASP B 11 -8.18 -18.19 -21.04
C ASP B 11 -8.46 -18.84 -22.39
N VAL B 12 -8.49 -20.19 -22.43
CA VAL B 12 -8.78 -20.93 -23.67
C VAL B 12 -10.23 -20.65 -24.12
N HIS B 13 -11.15 -20.56 -23.16
CA HIS B 13 -12.55 -20.22 -23.38
C HIS B 13 -13.28 -21.03 -24.45
N SER B 14 -13.32 -22.35 -24.25
CA SER B 14 -14.07 -23.31 -25.08
C SER B 14 -13.63 -23.38 -26.55
N ARG B 15 -12.43 -22.88 -26.84
CA ARG B 15 -11.79 -22.92 -28.17
C ARG B 15 -11.14 -24.33 -28.40
N LEU B 16 -11.96 -25.39 -28.33
CA LEU B 16 -11.55 -26.77 -28.48
C LEU B 16 -11.09 -27.10 -29.87
N GLU B 17 -11.73 -26.51 -30.86
CA GLU B 17 -11.37 -26.66 -32.25
C GLU B 17 -10.50 -25.49 -32.61
N GLN B 18 -9.69 -25.67 -33.65
CA GLN B 18 -8.90 -24.61 -34.25
C GLN B 18 -9.86 -23.50 -34.71
N THR B 19 -9.39 -22.26 -34.60
CA THR B 19 -10.16 -21.07 -34.89
C THR B 19 -9.49 -20.24 -35.97
N SER B 20 -10.16 -19.16 -36.38
CA SER B 20 -9.63 -18.13 -37.26
C SER B 20 -8.52 -17.40 -36.40
N GLU B 21 -7.69 -16.55 -37.00
CA GLU B 21 -6.62 -15.87 -36.26
C GLU B 21 -7.13 -14.85 -35.22
N ASP B 22 -8.42 -14.41 -35.33
CA ASP B 22 -9.07 -13.50 -34.36
C ASP B 22 -9.86 -14.33 -33.29
N SER B 23 -9.76 -15.67 -33.42
CA SER B 23 -10.35 -16.71 -32.59
C SER B 23 -11.85 -16.92 -32.86
N SER B 24 -12.38 -16.35 -33.95
CA SER B 24 -13.75 -16.61 -34.35
C SER B 24 -13.80 -17.98 -35.04
N LYS B 25 -14.99 -18.49 -35.38
CA LYS B 25 -15.13 -19.80 -36.02
C LYS B 25 -14.22 -19.94 -37.21
N CYS B 26 -13.62 -21.11 -37.35
CA CYS B 26 -12.74 -21.45 -38.46
C CYS B 26 -13.54 -21.69 -39.69
N VAL B 27 -13.20 -20.98 -40.78
CA VAL B 27 -13.86 -21.16 -42.06
C VAL B 27 -12.83 -21.66 -43.06
N ASP B 28 -11.79 -20.85 -43.37
CA ASP B 28 -10.68 -21.24 -44.26
C ASP B 28 -9.69 -22.01 -43.41
N ALA B 29 -9.85 -23.35 -43.36
CA ALA B 29 -9.05 -24.26 -42.51
C ALA B 29 -7.50 -24.14 -42.66
N SER B 30 -7.00 -23.80 -43.85
CA SER B 30 -5.56 -23.66 -44.15
C SER B 30 -4.88 -22.50 -43.41
N ARG B 31 -5.65 -21.52 -42.91
CA ARG B 31 -5.15 -20.35 -42.18
C ARG B 31 -5.61 -20.37 -40.74
N CYS B 32 -6.14 -21.51 -40.29
CA CYS B 32 -6.65 -21.61 -38.93
C CYS B 32 -5.57 -21.96 -37.92
N MET B 33 -5.81 -21.57 -36.68
CA MET B 33 -4.87 -21.65 -35.57
C MET B 33 -5.46 -22.26 -34.30
N GLY B 34 -4.59 -22.74 -33.41
CA GLY B 34 -4.98 -23.27 -32.12
C GLY B 34 -5.74 -24.59 -32.18
N GLY B 35 -6.59 -24.80 -31.17
CA GLY B 35 -7.36 -26.01 -30.99
C GLY B 35 -6.60 -26.98 -30.11
N VAL B 36 -7.27 -27.99 -29.56
CA VAL B 36 -6.62 -28.95 -28.66
C VAL B 36 -5.77 -29.99 -29.44
N ALA B 37 -6.18 -30.33 -30.69
CA ALA B 37 -5.47 -31.29 -31.53
C ALA B 37 -4.12 -30.77 -31.96
N ARG B 38 -4.05 -29.46 -32.27
CA ARG B 38 -2.79 -28.83 -32.65
C ARG B 38 -1.92 -28.62 -31.39
N LEU B 39 -2.53 -28.23 -30.27
CA LEU B 39 -1.82 -28.02 -29.01
C LEU B 39 -1.12 -29.31 -28.58
N PHE B 40 -1.83 -30.45 -28.65
CA PHE B 40 -1.27 -31.76 -28.35
C PHE B 40 0.02 -32.03 -29.16
N THR B 41 0.07 -31.62 -30.45
CA THR B 41 1.25 -31.83 -31.32
C THR B 41 2.48 -31.08 -30.79
N LYS B 42 2.37 -29.76 -30.47
CA LYS B 42 3.51 -28.95 -29.97
C LYS B 42 4.00 -29.42 -28.64
N VAL B 43 3.07 -29.71 -27.69
CA VAL B 43 3.39 -30.23 -26.36
C VAL B 43 4.27 -31.49 -26.48
N GLN B 44 3.83 -32.45 -27.30
CA GLN B 44 4.51 -33.70 -27.60
CA GLN B 44 4.56 -33.70 -27.51
C GLN B 44 5.96 -33.47 -28.08
N GLN B 45 6.15 -32.51 -29.02
CA GLN B 45 7.48 -32.17 -29.58
C GLN B 45 8.40 -31.63 -28.50
N ILE B 46 7.87 -30.81 -27.59
CA ILE B 46 8.64 -30.23 -26.49
C ILE B 46 8.99 -31.32 -25.47
N ARG B 47 8.02 -32.21 -25.14
CA ARG B 47 8.20 -33.31 -24.18
C ARG B 47 9.25 -34.33 -24.60
N ARG B 48 9.40 -34.62 -25.92
CA ARG B 48 10.41 -35.57 -26.41
C ARG B 48 11.78 -34.96 -26.33
N ALA B 49 11.89 -33.61 -26.48
CA ALA B 49 13.15 -32.85 -26.55
C ALA B 49 13.71 -32.42 -25.19
N GLU B 50 12.83 -32.06 -24.23
CA GLU B 50 13.24 -31.55 -22.93
C GLU B 50 12.99 -32.55 -21.82
N PRO B 51 13.97 -32.72 -20.90
CA PRO B 51 13.80 -33.71 -19.82
C PRO B 51 12.78 -33.35 -18.75
N ASN B 52 12.70 -32.07 -18.34
CA ASN B 52 11.83 -31.60 -17.27
C ASN B 52 10.82 -30.60 -17.75
N VAL B 53 9.56 -31.06 -17.94
CA VAL B 53 8.46 -30.31 -18.53
C VAL B 53 7.19 -30.34 -17.67
N LEU B 54 6.56 -29.16 -17.48
CA LEU B 54 5.26 -28.99 -16.85
C LEU B 54 4.32 -28.29 -17.82
N LEU B 55 3.11 -28.82 -17.98
CA LEU B 55 2.07 -28.19 -18.80
C LEU B 55 1.02 -27.66 -17.85
N LEU B 56 0.92 -26.34 -17.73
CA LEU B 56 -0.02 -25.71 -16.78
C LEU B 56 -1.08 -24.89 -17.47
N ASP B 57 -2.26 -24.76 -16.84
CA ASP B 57 -3.37 -23.93 -17.28
C ASP B 57 -3.70 -22.93 -16.17
N ALA B 58 -3.77 -21.64 -16.53
CA ALA B 58 -4.04 -20.60 -15.57
C ALA B 58 -5.51 -20.18 -15.54
N GLY B 59 -6.40 -21.11 -15.89
CA GLY B 59 -7.83 -20.92 -15.76
C GLY B 59 -8.59 -20.38 -16.96
N ASP B 60 -9.90 -20.36 -16.83
CA ASP B 60 -10.82 -19.87 -17.85
C ASP B 60 -10.83 -20.76 -19.09
N GLN B 61 -10.89 -22.06 -18.84
CA GLN B 61 -11.10 -23.04 -19.87
C GLN B 61 -12.60 -22.92 -20.21
N TYR B 62 -13.45 -22.77 -19.18
CA TYR B 62 -14.90 -22.60 -19.27
C TYR B 62 -15.35 -21.33 -19.98
N GLN B 63 -16.57 -21.44 -20.57
CA GLN B 63 -17.37 -20.39 -21.23
C GLN B 63 -16.69 -19.76 -22.45
N GLY B 64 -17.39 -19.75 -23.59
CA GLY B 64 -16.84 -19.12 -24.77
C GLY B 64 -17.49 -19.47 -26.09
N THR B 65 -17.79 -20.75 -26.30
CA THR B 65 -18.38 -21.26 -27.55
C THR B 65 -19.46 -22.30 -27.23
N ILE B 66 -20.13 -22.78 -28.28
CA ILE B 66 -21.19 -23.79 -28.24
C ILE B 66 -20.70 -25.14 -27.64
N TRP B 67 -19.35 -25.36 -27.56
CA TRP B 67 -18.70 -26.50 -26.94
C TRP B 67 -19.06 -26.53 -25.46
N PHE B 68 -19.06 -25.36 -24.82
CA PHE B 68 -19.40 -25.23 -23.41
C PHE B 68 -20.91 -25.22 -23.17
N THR B 69 -21.65 -24.56 -24.06
CA THR B 69 -23.11 -24.45 -23.98
C THR B 69 -23.69 -25.87 -23.92
N VAL B 70 -23.09 -26.79 -24.70
CA VAL B 70 -23.49 -28.19 -24.81
C VAL B 70 -22.83 -29.10 -23.78
N TYR B 71 -21.48 -29.12 -23.71
CA TYR B 71 -20.79 -30.05 -22.82
C TYR B 71 -20.62 -29.57 -21.38
N LYS B 72 -20.85 -28.27 -21.11
CA LYS B 72 -20.86 -27.66 -19.78
C LYS B 72 -19.63 -27.98 -18.87
N GLY B 73 -18.47 -28.19 -19.48
CA GLY B 73 -17.25 -28.49 -18.73
C GLY B 73 -16.67 -29.88 -18.93
N ALA B 74 -17.53 -30.88 -19.32
CA ALA B 74 -17.15 -32.26 -19.57
C ALA B 74 -16.11 -32.38 -20.68
N GLU B 75 -16.20 -31.47 -21.68
CA GLU B 75 -15.26 -31.38 -22.80
C GLU B 75 -13.89 -30.89 -22.33
N VAL B 76 -13.89 -29.98 -21.33
CA VAL B 76 -12.68 -29.42 -20.71
C VAL B 76 -11.94 -30.56 -19.99
N ALA B 77 -12.65 -31.32 -19.12
CA ALA B 77 -12.08 -32.45 -18.36
C ALA B 77 -11.46 -33.48 -19.28
N HIS B 78 -12.23 -33.89 -20.32
CA HIS B 78 -11.83 -34.88 -21.30
C HIS B 78 -10.60 -34.50 -22.15
N PHE B 79 -10.58 -33.30 -22.77
CA PHE B 79 -9.46 -32.93 -23.64
C PHE B 79 -8.24 -32.41 -22.87
N MET B 80 -8.40 -31.94 -21.63
CA MET B 80 -7.22 -31.55 -20.81
C MET B 80 -6.56 -32.81 -20.26
N ASN B 81 -7.35 -33.90 -20.11
CA ASN B 81 -6.86 -35.20 -19.65
C ASN B 81 -6.09 -35.85 -20.76
N ALA B 82 -6.59 -35.71 -22.00
CA ALA B 82 -5.98 -36.20 -23.23
C ALA B 82 -4.61 -35.56 -23.47
N LEU B 83 -4.50 -34.29 -23.12
CA LEU B 83 -3.28 -33.49 -23.28
C LEU B 83 -2.32 -33.68 -22.12
N ARG B 84 -2.82 -34.33 -21.06
CA ARG B 84 -2.11 -34.66 -19.83
C ARG B 84 -1.55 -33.40 -19.18
N TYR B 85 -2.42 -32.46 -18.82
CA TYR B 85 -2.02 -31.24 -18.09
C TYR B 85 -1.47 -31.69 -16.72
N ASP B 86 -0.50 -30.94 -16.17
CA ASP B 86 0.15 -31.29 -14.90
C ASP B 86 -0.58 -30.65 -13.74
N ALA B 87 -1.20 -29.48 -13.97
CA ALA B 87 -2.00 -28.73 -12.99
C ALA B 87 -2.80 -27.63 -13.70
N MET B 88 -3.88 -27.19 -13.06
CA MET B 88 -4.73 -26.11 -13.55
C MET B 88 -5.13 -25.28 -12.39
N ALA B 89 -5.12 -23.95 -12.57
CA ALA B 89 -5.60 -23.03 -11.53
C ALA B 89 -7.04 -22.69 -11.93
N LEU B 90 -7.94 -22.56 -10.94
CA LEU B 90 -9.34 -22.20 -11.19
C LEU B 90 -9.47 -20.74 -11.59
N GLY B 91 -10.21 -20.49 -12.64
CA GLY B 91 -10.48 -19.15 -13.12
C GLY B 91 -11.85 -18.72 -12.63
N ASN B 92 -12.21 -17.45 -12.86
CA ASN B 92 -13.52 -16.97 -12.44
C ASN B 92 -14.64 -17.69 -13.24
N HIS B 93 -14.43 -17.95 -14.56
CA HIS B 93 -15.44 -18.56 -15.42
C HIS B 93 -15.74 -20.01 -15.07
N GLU B 94 -14.86 -20.69 -14.30
CA GLU B 94 -15.09 -22.08 -13.87
C GLU B 94 -16.26 -22.18 -12.89
N PHE B 95 -16.77 -21.02 -12.43
CA PHE B 95 -17.88 -20.87 -11.48
C PHE B 95 -19.17 -20.38 -12.15
N ASP B 96 -19.15 -20.13 -13.48
CA ASP B 96 -20.30 -19.64 -14.26
C ASP B 96 -21.56 -20.50 -14.12
N ASN B 97 -21.39 -21.82 -13.90
CA ASN B 97 -22.51 -22.76 -13.71
C ASN B 97 -22.62 -23.15 -12.24
N GLY B 98 -22.13 -22.30 -11.34
CA GLY B 98 -22.16 -22.54 -9.90
C GLY B 98 -21.18 -23.60 -9.49
N VAL B 99 -21.16 -23.97 -8.18
CA VAL B 99 -20.23 -24.99 -7.67
C VAL B 99 -20.53 -26.36 -8.23
N GLU B 100 -21.82 -26.68 -8.43
CA GLU B 100 -22.24 -27.97 -8.98
C GLU B 100 -21.79 -28.13 -10.44
N GLY B 101 -21.77 -27.03 -11.18
CA GLY B 101 -21.33 -26.98 -12.56
C GLY B 101 -19.83 -27.08 -12.70
N LEU B 102 -19.11 -26.98 -11.56
CA LEU B 102 -17.65 -27.09 -11.47
C LEU B 102 -17.23 -28.47 -10.88
N ILE B 103 -17.95 -28.94 -9.84
CA ILE B 103 -17.71 -30.19 -9.13
C ILE B 103 -17.90 -31.39 -10.04
N GLU B 104 -19.13 -31.56 -10.57
CA GLU B 104 -19.45 -32.75 -11.36
C GLU B 104 -18.74 -32.79 -12.73
N PRO B 105 -18.87 -31.80 -13.63
CA PRO B 105 -18.19 -31.92 -14.93
C PRO B 105 -16.68 -31.91 -14.89
N LEU B 106 -16.04 -31.11 -14.01
CA LEU B 106 -14.59 -30.96 -14.07
C LEU B 106 -13.80 -31.52 -12.89
N LEU B 107 -14.05 -31.05 -11.65
CA LEU B 107 -13.32 -31.47 -10.45
C LEU B 107 -13.26 -32.98 -10.23
N LYS B 108 -14.41 -33.66 -10.41
CA LYS B 108 -14.51 -35.11 -10.24
C LYS B 108 -13.88 -35.90 -11.40
N GLU B 109 -13.74 -35.28 -12.59
CA GLU B 109 -13.27 -35.95 -13.81
C GLU B 109 -11.80 -35.69 -14.20
N ALA B 110 -11.17 -34.61 -13.68
CA ALA B 110 -9.79 -34.25 -14.00
C ALA B 110 -8.76 -35.18 -13.37
N LYS B 111 -7.85 -35.70 -14.19
CA LYS B 111 -6.80 -36.63 -13.74
C LYS B 111 -5.52 -35.86 -13.34
N PHE B 112 -5.65 -34.55 -13.16
CA PHE B 112 -4.57 -33.62 -12.81
C PHE B 112 -5.03 -32.71 -11.66
N PRO B 113 -4.12 -32.21 -10.79
CA PRO B 113 -4.57 -31.32 -9.70
C PRO B 113 -5.18 -29.98 -10.14
N ILE B 114 -6.31 -29.60 -9.53
CA ILE B 114 -6.96 -28.31 -9.78
C ILE B 114 -6.77 -27.45 -8.54
N LEU B 115 -6.17 -26.27 -8.70
CA LEU B 115 -5.71 -25.46 -7.59
C LEU B 115 -6.27 -24.04 -7.39
N SER B 116 -6.35 -23.67 -6.09
CA SER B 116 -6.70 -22.34 -5.59
C SER B 116 -6.47 -22.27 -4.10
N ALA B 117 -5.47 -21.48 -3.66
CA ALA B 117 -5.19 -21.28 -2.24
C ALA B 117 -6.04 -20.18 -1.59
N ASN B 118 -6.67 -19.27 -2.36
CA ASN B 118 -7.45 -18.20 -1.73
C ASN B 118 -8.96 -18.47 -1.72
N ILE B 119 -9.37 -19.70 -2.08
CA ILE B 119 -10.79 -20.02 -2.02
C ILE B 119 -11.04 -20.93 -0.85
N LYS B 120 -11.78 -20.46 0.16
CA LYS B 120 -12.12 -21.27 1.32
C LYS B 120 -13.59 -21.66 1.32
N ALA B 121 -13.87 -22.95 1.46
CA ALA B 121 -15.25 -23.46 1.48
C ALA B 121 -15.78 -23.50 2.91
N LYS B 122 -17.07 -23.15 3.08
CA LYS B 122 -17.67 -23.15 4.39
C LYS B 122 -18.97 -23.96 4.47
N GLY B 123 -19.13 -24.64 5.59
CA GLY B 123 -20.32 -25.42 5.94
C GLY B 123 -20.73 -26.59 5.07
N PRO B 124 -21.87 -26.47 4.32
CA PRO B 124 -22.36 -27.62 3.53
C PRO B 124 -21.45 -28.03 2.37
N LEU B 125 -20.93 -27.03 1.65
CA LEU B 125 -20.05 -27.20 0.50
C LEU B 125 -18.68 -27.78 0.88
N ALA B 126 -18.14 -27.38 2.05
CA ALA B 126 -16.83 -27.78 2.55
C ALA B 126 -16.57 -29.28 2.54
N SER B 127 -17.45 -30.08 3.17
CA SER B 127 -17.35 -31.54 3.26
C SER B 127 -17.47 -32.26 1.91
N GLN B 128 -18.24 -31.64 0.97
CA GLN B 128 -18.46 -32.16 -0.39
C GLN B 128 -17.19 -32.04 -1.23
N ILE B 129 -16.63 -30.83 -1.27
CA ILE B 129 -15.51 -30.42 -2.10
C ILE B 129 -14.11 -30.81 -1.55
N SER B 130 -14.02 -31.45 -0.37
CA SER B 130 -12.70 -31.78 0.18
C SER B 130 -11.84 -32.62 -0.76
N GLY B 131 -10.72 -32.00 -1.14
CA GLY B 131 -9.70 -32.56 -2.01
C GLY B 131 -9.99 -32.53 -3.49
N LEU B 132 -11.17 -32.02 -3.90
CA LEU B 132 -11.55 -31.91 -5.31
C LEU B 132 -10.75 -30.83 -6.00
N TYR B 133 -10.36 -29.82 -5.23
CA TYR B 133 -9.43 -28.76 -5.59
C TYR B 133 -8.50 -28.66 -4.39
N LEU B 134 -7.27 -28.14 -4.60
CA LEU B 134 -6.24 -28.08 -3.57
C LEU B 134 -5.57 -26.68 -3.48
N PRO B 135 -4.95 -26.26 -2.36
CA PRO B 135 -4.29 -24.94 -2.35
C PRO B 135 -2.98 -24.92 -3.16
N TYR B 136 -2.30 -26.06 -3.19
CA TYR B 136 -1.05 -26.27 -3.92
C TYR B 136 -0.92 -27.77 -4.24
N LYS B 137 0.09 -28.15 -5.02
CA LYS B 137 0.46 -29.52 -5.30
C LYS B 137 1.95 -29.55 -5.51
N VAL B 138 2.65 -30.47 -4.83
CA VAL B 138 4.08 -30.70 -4.98
C VAL B 138 4.24 -31.79 -6.04
N LEU B 139 4.71 -31.41 -7.22
CA LEU B 139 4.87 -32.32 -8.34
C LEU B 139 6.29 -32.85 -8.54
N PRO B 140 6.46 -34.20 -8.57
CA PRO B 140 7.78 -34.78 -8.93
C PRO B 140 8.16 -34.43 -10.37
N VAL B 141 9.36 -33.87 -10.57
CA VAL B 141 9.83 -33.50 -11.92
C VAL B 141 11.25 -34.04 -12.01
N GLY B 142 11.36 -35.22 -12.61
CA GLY B 142 12.63 -35.91 -12.72
C GLY B 142 13.04 -36.29 -11.33
N ASP B 143 14.25 -35.90 -10.93
CA ASP B 143 14.76 -36.23 -9.59
C ASP B 143 14.49 -35.09 -8.58
N GLU B 144 13.67 -34.12 -9.00
CA GLU B 144 13.31 -32.94 -8.22
C GLU B 144 11.82 -32.94 -7.90
N VAL B 145 11.42 -31.87 -7.26
CA VAL B 145 10.05 -31.62 -6.87
C VAL B 145 9.73 -30.12 -7.12
N VAL B 146 8.57 -29.82 -7.68
CA VAL B 146 8.17 -28.44 -7.92
C VAL B 146 6.84 -28.21 -7.23
N GLY B 147 6.76 -27.11 -6.51
CA GLY B 147 5.54 -26.70 -5.84
C GLY B 147 4.80 -25.69 -6.70
N ILE B 148 3.50 -25.94 -6.89
CA ILE B 148 2.62 -25.08 -7.67
C ILE B 148 1.51 -24.64 -6.74
N VAL B 149 1.47 -23.31 -6.41
CA VAL B 149 0.47 -22.66 -5.58
C VAL B 149 -0.53 -21.94 -6.50
N GLY B 150 -1.81 -22.23 -6.31
CA GLY B 150 -2.88 -21.64 -7.10
C GLY B 150 -3.57 -20.45 -6.48
N TYR B 151 -4.17 -19.60 -7.32
CA TYR B 151 -4.92 -18.42 -6.89
C TYR B 151 -5.97 -18.06 -7.96
N THR B 152 -7.08 -17.50 -7.52
CA THR B 152 -8.24 -17.16 -8.35
C THR B 152 -8.66 -15.74 -8.00
N SER B 153 -9.05 -14.90 -9.00
CA SER B 153 -9.47 -13.49 -8.79
C SER B 153 -10.38 -13.28 -7.59
N LYS B 154 -10.09 -12.24 -6.77
CA LYS B 154 -10.90 -11.81 -5.61
C LYS B 154 -12.28 -11.44 -6.09
N GLU B 155 -12.37 -10.94 -7.35
CA GLU B 155 -13.56 -10.42 -8.01
C GLU B 155 -14.49 -11.50 -8.54
N THR B 156 -14.15 -12.82 -8.37
CA THR B 156 -14.96 -13.95 -8.83
C THR B 156 -16.43 -13.84 -8.34
N PRO B 157 -16.76 -13.48 -7.05
CA PRO B 157 -18.19 -13.35 -6.67
C PRO B 157 -18.95 -12.24 -7.39
N PHE B 158 -18.23 -11.33 -8.06
CA PHE B 158 -18.82 -10.18 -8.76
C PHE B 158 -18.68 -10.30 -10.29
N LEU B 159 -18.05 -11.43 -10.74
CA LEU B 159 -17.85 -11.76 -12.15
C LEU B 159 -18.57 -13.04 -12.50
N SER B 160 -18.85 -13.89 -11.51
CA SER B 160 -19.41 -15.22 -11.71
C SER B 160 -20.47 -15.62 -10.68
N ASN B 161 -20.81 -16.92 -10.63
CA ASN B 161 -21.78 -17.48 -9.70
C ASN B 161 -21.10 -18.50 -8.73
N PRO B 162 -20.06 -18.13 -7.91
CA PRO B 162 -19.45 -19.15 -7.02
C PRO B 162 -20.30 -19.58 -5.82
N GLY B 163 -21.36 -18.82 -5.52
CA GLY B 163 -22.26 -19.10 -4.41
C GLY B 163 -21.82 -18.52 -3.08
N THR B 164 -22.69 -18.60 -2.06
CA THR B 164 -22.43 -18.02 -0.74
C THR B 164 -21.56 -18.88 0.17
N ASN B 165 -21.27 -20.14 -0.20
CA ASN B 165 -20.43 -21.02 0.65
C ASN B 165 -18.98 -21.07 0.19
N LEU B 166 -18.54 -20.05 -0.55
CA LEU B 166 -17.16 -19.89 -0.96
C LEU B 166 -16.67 -18.50 -0.62
N VAL B 167 -15.59 -18.44 0.19
CA VAL B 167 -14.91 -17.22 0.62
C VAL B 167 -13.65 -17.03 -0.22
N PHE B 168 -13.65 -15.94 -1.01
CA PHE B 168 -12.58 -15.51 -1.89
C PHE B 168 -11.65 -14.53 -1.18
N GLU B 169 -10.60 -15.09 -0.53
CA GLU B 169 -9.63 -14.28 0.21
C GLU B 169 -8.71 -13.53 -0.76
N ASP B 170 -8.01 -12.48 -0.29
CA ASP B 170 -7.06 -11.74 -1.11
C ASP B 170 -5.94 -12.68 -1.48
N GLU B 171 -5.47 -12.61 -2.72
CA GLU B 171 -4.45 -13.51 -3.28
C GLU B 171 -3.18 -13.52 -2.46
N ILE B 172 -2.53 -12.35 -2.26
CA ILE B 172 -1.28 -12.26 -1.53
C ILE B 172 -1.42 -12.78 -0.09
N THR B 173 -2.51 -12.40 0.61
CA THR B 173 -2.79 -12.83 1.98
C THR B 173 -2.89 -14.35 2.08
N ALA B 174 -3.59 -14.99 1.15
CA ALA B 174 -3.73 -16.43 1.17
C ALA B 174 -2.50 -17.17 0.64
N LEU B 175 -1.74 -16.56 -0.29
CA LEU B 175 -0.59 -17.21 -0.87
C LEU B 175 0.62 -17.35 0.06
N GLN B 176 1.05 -16.28 0.75
CA GLN B 176 2.24 -16.32 1.61
C GLN B 176 2.25 -17.49 2.62
N PRO B 177 1.18 -17.78 3.41
CA PRO B 177 1.26 -18.94 4.34
C PRO B 177 1.46 -20.27 3.63
N GLU B 178 0.87 -20.44 2.41
CA GLU B 178 1.01 -21.66 1.59
C GLU B 178 2.43 -21.82 1.06
N VAL B 179 3.04 -20.73 0.58
CA VAL B 179 4.42 -20.71 0.08
C VAL B 179 5.36 -21.03 1.25
N ASP B 180 5.13 -20.40 2.42
CA ASP B 180 5.92 -20.61 3.65
C ASP B 180 5.87 -22.07 4.13
N LYS B 181 4.70 -22.73 4.00
CA LYS B 181 4.48 -24.14 4.37
C LYS B 181 5.34 -25.03 3.47
N LEU B 182 5.38 -24.72 2.16
CA LEU B 182 6.17 -25.46 1.17
C LEU B 182 7.66 -25.35 1.43
N LYS B 183 8.10 -24.19 1.95
CA LYS B 183 9.49 -23.96 2.28
C LYS B 183 9.90 -24.84 3.44
N THR B 184 9.00 -25.01 4.44
CA THR B 184 9.28 -25.88 5.59
C THR B 184 9.28 -27.35 5.15
N LEU B 185 8.55 -27.68 4.06
CA LEU B 185 8.51 -29.01 3.47
C LEU B 185 9.70 -29.23 2.52
N ASN B 186 10.63 -28.26 2.50
CA ASN B 186 11.85 -28.24 1.69
C ASN B 186 11.56 -28.35 0.19
N VAL B 187 10.64 -27.50 -0.29
CA VAL B 187 10.30 -27.37 -1.70
C VAL B 187 10.91 -26.00 -2.06
N ASN B 188 12.09 -26.05 -2.68
CA ASN B 188 12.88 -24.86 -3.02
C ASN B 188 12.51 -24.21 -4.37
N LYS B 189 11.64 -24.85 -5.20
CA LYS B 189 11.21 -24.32 -6.49
C LYS B 189 9.69 -24.13 -6.48
N ILE B 190 9.22 -22.86 -6.58
CA ILE B 190 7.80 -22.53 -6.44
C ILE B 190 7.24 -21.70 -7.59
N ILE B 191 6.17 -22.23 -8.19
CA ILE B 191 5.43 -21.56 -9.28
C ILE B 191 4.08 -21.15 -8.70
N ALA B 192 3.70 -19.87 -8.88
CA ALA B 192 2.39 -19.32 -8.57
C ALA B 192 1.63 -19.37 -9.90
N LEU B 193 0.58 -20.22 -9.95
CA LEU B 193 -0.23 -20.40 -11.15
C LEU B 193 -1.60 -19.88 -10.79
N GLY B 194 -2.08 -18.85 -11.49
CA GLY B 194 -3.38 -18.32 -11.14
C GLY B 194 -4.10 -17.43 -12.10
N HIS B 195 -5.30 -16.99 -11.68
CA HIS B 195 -6.21 -16.25 -12.52
C HIS B 195 -6.74 -14.95 -11.92
N SER B 196 -5.91 -13.90 -11.90
CA SER B 196 -6.34 -12.60 -11.36
C SER B 196 -5.99 -11.42 -12.26
N GLY B 197 -5.27 -11.68 -13.36
CA GLY B 197 -4.84 -10.65 -14.29
C GLY B 197 -3.40 -10.23 -14.06
N PHE B 198 -2.77 -9.68 -15.08
CA PHE B 198 -1.36 -9.29 -15.11
C PHE B 198 -0.92 -8.35 -13.98
N GLU B 199 -1.78 -7.39 -13.59
CA GLU B 199 -1.45 -6.43 -12.53
C GLU B 199 -1.32 -7.10 -11.15
N MET B 200 -2.22 -8.06 -10.83
CA MET B 200 -2.15 -8.83 -9.60
C MET B 200 -0.96 -9.81 -9.67
N ASP B 201 -0.70 -10.40 -10.87
CA ASP B 201 0.43 -11.30 -11.15
C ASP B 201 1.76 -10.61 -10.83
N LYS B 202 1.93 -9.35 -11.26
CA LYS B 202 3.13 -8.56 -10.98
C LYS B 202 3.25 -8.27 -9.50
N LEU B 203 2.10 -8.01 -8.83
CA LEU B 203 2.01 -7.79 -7.39
C LEU B 203 2.42 -9.00 -6.57
N ILE B 204 1.91 -10.22 -6.93
CA ILE B 204 2.23 -11.52 -6.31
C ILE B 204 3.72 -11.76 -6.44
N ALA B 205 4.28 -11.52 -7.64
CA ALA B 205 5.72 -11.69 -7.90
C ALA B 205 6.53 -10.82 -6.96
N GLN B 206 6.08 -9.57 -6.77
CA GLN B 206 6.70 -8.55 -5.95
C GLN B 206 6.60 -8.79 -4.44
N LYS B 207 5.42 -9.20 -3.97
CA LYS B 207 5.12 -9.30 -2.54
C LYS B 207 5.24 -10.71 -1.92
N VAL B 208 4.76 -11.78 -2.61
CA VAL B 208 4.80 -13.15 -2.07
C VAL B 208 6.24 -13.71 -2.11
N ARG B 209 6.96 -13.65 -0.95
CA ARG B 209 8.35 -14.13 -0.78
C ARG B 209 8.44 -15.63 -1.03
N GLY B 210 9.38 -16.02 -1.89
CA GLY B 210 9.62 -17.41 -2.22
C GLY B 210 9.06 -17.94 -3.54
N VAL B 211 8.17 -17.17 -4.18
CA VAL B 211 7.59 -17.50 -5.49
C VAL B 211 8.69 -17.22 -6.50
N ASP B 212 8.94 -18.19 -7.39
CA ASP B 212 10.01 -18.08 -8.37
C ASP B 212 9.55 -17.62 -9.72
N VAL B 213 8.34 -18.08 -10.13
CA VAL B 213 7.72 -17.78 -11.42
C VAL B 213 6.24 -17.58 -11.20
N VAL B 214 5.67 -16.59 -11.89
CA VAL B 214 4.24 -16.35 -11.89
C VAL B 214 3.73 -16.68 -13.30
N VAL B 215 2.77 -17.63 -13.38
CA VAL B 215 2.05 -18.01 -14.59
C VAL B 215 0.60 -17.51 -14.40
N GLY B 216 0.14 -16.60 -15.27
CA GLY B 216 -1.20 -16.02 -15.12
C GLY B 216 -2.14 -16.09 -16.31
N GLY B 217 -3.30 -15.46 -16.14
CA GLY B 217 -4.37 -15.35 -17.11
C GLY B 217 -5.24 -14.16 -16.79
N HIS B 218 -6.53 -14.22 -17.21
CA HIS B 218 -7.60 -13.25 -16.94
C HIS B 218 -7.51 -11.93 -17.72
N SER B 219 -6.32 -11.34 -17.86
CA SER B 219 -6.14 -10.07 -18.58
C SER B 219 -5.87 -10.27 -20.07
N ASN B 220 -5.75 -11.57 -20.53
CA ASN B 220 -5.46 -11.95 -21.92
C ASN B 220 -4.18 -11.25 -22.40
N THR B 221 -3.16 -11.23 -21.51
CA THR B 221 -1.89 -10.53 -21.72
C THR B 221 -0.97 -11.24 -22.66
N PHE B 222 -0.63 -10.54 -23.74
CA PHE B 222 0.33 -11.04 -24.71
C PHE B 222 1.67 -10.39 -24.40
N LEU B 223 2.67 -11.22 -24.09
CA LEU B 223 4.04 -10.80 -23.82
C LEU B 223 4.95 -11.45 -24.89
N TYR B 224 5.90 -10.68 -25.43
CA TYR B 224 6.80 -11.20 -26.46
C TYR B 224 8.17 -10.55 -26.42
N THR B 225 9.23 -11.35 -26.64
CA THR B 225 10.61 -10.84 -26.77
C THR B 225 10.95 -10.91 -28.28
N GLY B 226 11.16 -9.74 -28.89
CA GLY B 226 11.47 -9.67 -30.32
C GLY B 226 10.25 -9.38 -31.16
N ASN B 227 10.30 -9.74 -32.47
CA ASN B 227 9.21 -9.45 -33.42
C ASN B 227 8.09 -10.49 -33.41
N PRO B 228 6.86 -10.06 -33.01
CA PRO B 228 5.73 -11.01 -32.84
C PRO B 228 5.26 -11.76 -34.09
N PRO B 229 4.78 -13.02 -33.94
CA PRO B 229 4.36 -13.80 -35.11
C PRO B 229 2.99 -13.47 -35.74
N SER B 230 2.08 -12.79 -35.00
CA SER B 230 0.73 -12.49 -35.48
C SER B 230 0.33 -11.02 -35.32
N LYS B 231 -0.97 -10.77 -35.12
CA LYS B 231 -1.56 -9.44 -35.03
C LYS B 231 -1.54 -8.85 -33.63
N GLU B 232 -1.29 -9.67 -32.59
CA GLU B 232 -1.23 -9.19 -31.21
C GLU B 232 0.06 -8.40 -30.96
N VAL B 233 -0.13 -7.21 -30.39
CA VAL B 233 0.91 -6.26 -30.03
C VAL B 233 1.26 -6.60 -28.56
N PRO B 234 2.55 -6.87 -28.29
CA PRO B 234 2.95 -7.24 -26.91
C PRO B 234 2.79 -6.12 -25.90
N ALA B 235 2.39 -6.48 -24.68
CA ALA B 235 2.18 -5.59 -23.53
C ALA B 235 3.50 -5.38 -22.75
N GLY B 236 4.54 -6.15 -23.10
CA GLY B 236 5.87 -6.12 -22.51
C GLY B 236 6.69 -7.32 -23.00
N LYS B 237 7.90 -7.47 -22.46
CA LYS B 237 8.77 -8.58 -22.86
C LYS B 237 8.31 -9.95 -22.32
N TYR B 238 8.80 -11.04 -22.92
CA TYR B 238 8.49 -12.37 -22.44
C TYR B 238 9.80 -13.04 -22.01
N PRO B 239 9.96 -13.37 -20.71
CA PRO B 239 9.03 -13.13 -19.60
C PRO B 239 9.08 -11.67 -19.16
N PHE B 240 8.11 -11.26 -18.34
CA PHE B 240 8.11 -9.93 -17.77
C PHE B 240 8.84 -10.03 -16.41
N ILE B 241 9.90 -9.26 -16.23
CA ILE B 241 10.68 -9.34 -15.00
C ILE B 241 10.26 -8.28 -13.98
N VAL B 242 9.87 -8.76 -12.80
CA VAL B 242 9.48 -7.97 -11.63
C VAL B 242 10.66 -8.04 -10.63
N THR B 243 11.09 -6.89 -10.08
CA THR B 243 12.07 -6.87 -9.02
C THR B 243 11.25 -6.94 -7.73
N SER B 244 11.27 -8.11 -7.07
CA SER B 244 10.50 -8.35 -5.84
C SER B 244 11.02 -7.52 -4.67
N ASP B 245 10.18 -7.33 -3.64
CA ASP B 245 10.57 -6.63 -2.42
C ASP B 245 11.71 -7.32 -1.64
N ASP B 246 11.86 -8.66 -1.78
CA ASP B 246 12.95 -9.38 -1.12
C ASP B 246 14.25 -9.35 -1.99
N GLY B 247 14.25 -8.50 -3.02
CA GLY B 247 15.39 -8.23 -3.90
C GLY B 247 15.48 -8.99 -5.21
N ARG B 248 14.95 -10.23 -5.25
CA ARG B 248 15.01 -11.13 -6.40
C ARG B 248 14.33 -10.62 -7.69
N LYS B 249 14.65 -11.27 -8.83
CA LYS B 249 14.10 -11.00 -10.15
C LYS B 249 13.13 -12.14 -10.41
N VAL B 250 11.83 -11.82 -10.47
CA VAL B 250 10.76 -12.79 -10.65
C VAL B 250 10.14 -12.69 -12.04
N PRO B 251 10.27 -13.75 -12.89
CA PRO B 251 9.61 -13.73 -14.20
C PRO B 251 8.10 -13.97 -14.08
N VAL B 252 7.34 -13.18 -14.87
CA VAL B 252 5.88 -13.21 -14.97
C VAL B 252 5.53 -13.55 -16.43
N VAL B 253 4.73 -14.60 -16.62
CA VAL B 253 4.31 -15.03 -17.95
C VAL B 253 2.79 -15.15 -18.10
N GLN B 254 2.34 -14.95 -19.33
CA GLN B 254 0.97 -15.13 -19.78
C GLN B 254 1.06 -15.51 -21.26
N ALA B 255 0.04 -16.20 -21.79
CA ALA B 255 0.06 -16.68 -23.19
C ALA B 255 -1.17 -16.23 -23.97
N TYR B 256 -1.47 -14.90 -23.89
CA TYR B 256 -2.61 -14.25 -24.54
C TYR B 256 -3.95 -14.96 -24.14
N ALA B 257 -4.65 -15.61 -25.11
CA ALA B 257 -5.93 -16.28 -24.89
C ALA B 257 -6.30 -17.18 -26.07
N PHE B 258 -7.39 -17.92 -25.88
CA PHE B 258 -8.13 -18.77 -26.81
C PHE B 258 -7.33 -19.90 -27.41
N GLY B 259 -6.23 -20.27 -26.76
CA GLY B 259 -5.34 -21.34 -27.23
C GLY B 259 -4.67 -21.02 -28.55
N LYS B 260 -4.53 -19.71 -28.88
CA LYS B 260 -3.86 -19.30 -30.13
C LYS B 260 -2.34 -19.55 -30.00
N TYR B 261 -1.81 -19.40 -28.76
CA TYR B 261 -0.40 -19.58 -28.42
C TYR B 261 -0.19 -20.58 -27.32
N LEU B 262 1.02 -21.16 -27.31
CA LEU B 262 1.44 -22.01 -26.21
C LEU B 262 2.56 -21.25 -25.54
N GLY B 263 2.39 -20.89 -24.27
CA GLY B 263 3.46 -20.25 -23.49
C GLY B 263 4.63 -21.21 -23.35
N TYR B 264 5.85 -20.71 -23.34
CA TYR B 264 7.05 -21.54 -23.34
C TYR B 264 8.16 -20.77 -22.66
N LEU B 265 8.56 -21.23 -21.48
CA LEU B 265 9.59 -20.56 -20.71
C LEU B 265 10.53 -21.63 -20.16
N LYS B 266 11.82 -21.48 -20.49
CA LYS B 266 12.89 -22.34 -20.02
C LYS B 266 13.51 -21.60 -18.85
N ILE B 267 13.63 -22.28 -17.71
CA ILE B 267 14.19 -21.71 -16.47
C ILE B 267 15.40 -22.52 -16.03
N GLU B 268 16.52 -21.84 -15.71
CA GLU B 268 17.70 -22.47 -15.13
C GLU B 268 17.59 -22.21 -13.61
N PHE B 269 17.52 -23.28 -12.81
CA PHE B 269 17.46 -23.12 -11.35
C PHE B 269 18.82 -23.52 -10.82
N ASP B 270 19.22 -22.95 -9.66
CA ASP B 270 20.45 -23.37 -9.00
C ASP B 270 20.06 -24.57 -8.05
N GLU B 271 21.03 -25.23 -7.43
CA GLU B 271 20.82 -26.36 -6.51
C GLU B 271 19.93 -26.01 -5.29
N ARG B 272 19.69 -24.68 -5.07
CA ARG B 272 18.93 -24.10 -3.97
C ARG B 272 17.55 -23.58 -4.38
N GLY B 273 17.15 -23.81 -5.64
CA GLY B 273 15.85 -23.43 -6.17
C GLY B 273 15.69 -21.98 -6.57
N ASN B 274 16.81 -21.27 -6.77
CA ASN B 274 16.77 -19.87 -7.19
C ASN B 274 16.87 -19.79 -8.71
N VAL B 275 16.03 -18.96 -9.36
CA VAL B 275 16.08 -18.76 -10.81
C VAL B 275 17.40 -18.03 -11.14
N ILE B 276 18.22 -18.68 -11.99
CA ILE B 276 19.50 -18.16 -12.46
C ILE B 276 19.25 -17.34 -13.72
N SER B 277 18.42 -17.89 -14.60
CA SER B 277 18.03 -17.30 -15.88
C SER B 277 16.70 -17.90 -16.33
N SER B 278 15.97 -17.13 -17.14
CA SER B 278 14.72 -17.52 -17.76
C SER B 278 14.64 -16.89 -19.15
N HIS B 279 14.22 -17.68 -20.12
CA HIS B 279 14.06 -17.25 -21.49
C HIS B 279 12.98 -18.09 -22.16
N GLY B 280 12.38 -17.54 -23.18
CA GLY B 280 11.35 -18.23 -23.93
C GLY B 280 10.52 -17.24 -24.70
N ASN B 281 9.33 -17.68 -25.12
CA ASN B 281 8.36 -16.91 -25.91
C ASN B 281 7.10 -17.74 -26.14
N PRO B 282 5.89 -17.11 -26.27
CA PRO B 282 4.71 -17.91 -26.66
C PRO B 282 4.85 -18.43 -28.10
N ILE B 283 4.52 -19.71 -28.32
CA ILE B 283 4.61 -20.37 -29.61
C ILE B 283 3.26 -20.21 -30.33
N LEU B 284 3.28 -19.61 -31.53
CA LEU B 284 2.06 -19.44 -32.28
C LEU B 284 1.64 -20.78 -32.83
N LEU B 285 0.43 -21.23 -32.45
CA LEU B 285 -0.10 -22.50 -32.91
C LEU B 285 -0.79 -22.33 -34.28
N ASP B 286 0.02 -22.06 -35.32
CA ASP B 286 -0.45 -21.88 -36.70
C ASP B 286 -0.46 -23.20 -37.51
N SER B 287 -0.82 -23.09 -38.80
CA SER B 287 -0.90 -24.17 -39.80
C SER B 287 0.36 -25.01 -39.95
N SER B 288 1.55 -24.45 -39.63
CA SER B 288 2.83 -25.14 -39.74
C SER B 288 3.00 -26.27 -38.69
N ILE B 289 2.06 -26.36 -37.72
CA ILE B 289 1.98 -27.39 -36.67
C ILE B 289 0.73 -28.22 -36.99
N PRO B 290 0.86 -29.52 -37.30
CA PRO B 290 -0.32 -30.29 -37.70
C PRO B 290 -1.23 -30.66 -36.54
N GLU B 291 -2.54 -30.75 -36.81
CA GLU B 291 -3.47 -31.20 -35.77
C GLU B 291 -3.15 -32.69 -35.49
N ASP B 292 -3.15 -33.11 -34.20
CA ASP B 292 -2.89 -34.51 -33.91
C ASP B 292 -4.05 -35.35 -34.45
N PRO B 293 -3.78 -36.38 -35.29
CA PRO B 293 -4.89 -37.15 -35.90
C PRO B 293 -5.82 -37.79 -34.88
N SER B 294 -5.25 -38.35 -33.78
CA SER B 294 -6.02 -38.99 -32.71
C SER B 294 -6.91 -37.99 -31.98
N ILE B 295 -6.36 -36.85 -31.52
CA ILE B 295 -7.17 -35.82 -30.84
C ILE B 295 -8.23 -35.27 -31.80
N LYS B 296 -7.83 -34.89 -33.05
CA LYS B 296 -8.70 -34.37 -34.10
C LYS B 296 -9.90 -35.29 -34.34
N ALA B 297 -9.63 -36.64 -34.51
CA ALA B 297 -10.69 -37.60 -34.73
C ALA B 297 -11.69 -37.61 -33.56
N ASP B 298 -11.15 -37.53 -32.31
CA ASP B 298 -11.96 -37.49 -31.10
C ASP B 298 -12.77 -36.18 -31.00
N ILE B 299 -12.21 -35.04 -31.49
CA ILE B 299 -12.90 -33.74 -31.54
C ILE B 299 -14.11 -33.83 -32.50
N ASN B 300 -13.90 -34.54 -33.63
CA ASN B 300 -14.94 -34.77 -34.64
C ASN B 300 -16.07 -35.65 -34.09
N LYS B 301 -15.76 -36.60 -33.16
CA LYS B 301 -16.80 -37.44 -32.52
C LYS B 301 -17.65 -36.57 -31.59
N TRP B 302 -16.99 -35.70 -30.82
CA TRP B 302 -17.62 -34.77 -29.89
C TRP B 302 -18.36 -33.64 -30.65
N ARG B 303 -17.97 -33.36 -31.92
CA ARG B 303 -18.60 -32.31 -32.74
C ARG B 303 -19.99 -32.71 -33.31
N ILE B 304 -20.28 -34.02 -33.43
CA ILE B 304 -21.58 -34.51 -33.95
C ILE B 304 -22.75 -33.93 -33.14
N LYS B 305 -22.61 -33.84 -31.79
CA LYS B 305 -23.63 -33.28 -30.90
C LYS B 305 -23.87 -31.79 -31.20
N LEU B 306 -22.78 -30.99 -31.36
CA LEU B 306 -22.87 -29.57 -31.69
C LEU B 306 -23.47 -29.37 -33.07
N ASP B 307 -23.02 -30.17 -34.07
CA ASP B 307 -23.49 -30.13 -35.46
C ASP B 307 -25.02 -30.22 -35.59
N ASP B 308 -25.69 -30.82 -34.58
CA ASP B 308 -27.15 -30.96 -34.50
C ASP B 308 -27.85 -29.60 -34.50
N TYR B 309 -27.14 -28.54 -34.02
CA TYR B 309 -27.60 -27.13 -34.06
C TYR B 309 -27.68 -26.76 -35.53
N SER B 310 -28.89 -26.44 -36.02
CA SER B 310 -29.10 -26.09 -37.42
C SER B 310 -28.32 -24.83 -37.82
N THR B 311 -27.52 -24.95 -38.90
CA THR B 311 -26.68 -23.89 -39.47
C THR B 311 -27.50 -22.86 -40.28
N GLN B 312 -28.78 -22.68 -39.90
CA GLN B 312 -29.70 -21.71 -40.48
C GLN B 312 -29.07 -20.33 -40.26
N GLU B 313 -28.95 -19.52 -41.34
CA GLU B 313 -28.32 -18.21 -41.22
C GLU B 313 -29.31 -17.13 -40.82
N LEU B 314 -29.05 -16.51 -39.66
CA LEU B 314 -29.86 -15.45 -39.09
C LEU B 314 -29.79 -14.18 -39.95
N GLY B 315 -28.71 -14.05 -40.71
CA GLY B 315 -28.50 -12.93 -41.62
C GLY B 315 -27.12 -12.87 -42.23
N LYS B 316 -26.79 -11.72 -42.81
CA LYS B 316 -25.50 -11.46 -43.44
C LYS B 316 -24.90 -10.14 -42.97
N THR B 317 -23.56 -10.11 -42.91
CA THR B 317 -22.79 -8.92 -42.56
C THR B 317 -21.86 -8.58 -43.75
N ILE B 318 -21.88 -7.33 -44.22
CA ILE B 318 -21.04 -6.91 -45.34
C ILE B 318 -19.76 -6.24 -44.83
N VAL B 319 -19.65 -6.11 -43.49
CA VAL B 319 -18.54 -5.51 -42.74
C VAL B 319 -18.06 -6.49 -41.67
N TYR B 320 -16.78 -6.33 -41.25
CA TYR B 320 -16.21 -7.11 -40.17
C TYR B 320 -16.84 -6.61 -38.90
N LEU B 321 -17.38 -7.52 -38.10
CA LEU B 321 -18.01 -7.13 -36.86
C LEU B 321 -16.92 -7.25 -35.81
N ASP B 322 -16.27 -6.13 -35.48
CA ASP B 322 -15.16 -6.13 -34.53
C ASP B 322 -15.62 -6.31 -33.06
N GLY B 323 -15.62 -7.55 -32.62
CA GLY B 323 -15.99 -7.92 -31.26
C GLY B 323 -14.79 -8.30 -30.42
N SER B 324 -13.56 -7.91 -30.84
CA SER B 324 -12.31 -8.19 -30.10
C SER B 324 -12.22 -7.29 -28.88
N SER B 325 -11.47 -7.72 -27.86
CA SER B 325 -11.29 -6.99 -26.60
C SER B 325 -10.40 -5.77 -26.76
N GLN B 326 -9.40 -5.84 -27.63
CA GLN B 326 -8.43 -4.78 -27.85
C GLN B 326 -9.05 -3.61 -28.54
N SER B 327 -10.29 -3.80 -29.06
CA SER B 327 -11.14 -2.76 -29.61
C SER B 327 -12.23 -2.36 -28.57
N CYS B 328 -13.16 -3.30 -28.23
CA CYS B 328 -14.35 -3.09 -27.39
C CYS B 328 -14.08 -2.68 -25.95
N ARG B 329 -12.85 -2.88 -25.45
CA ARG B 329 -12.46 -2.47 -24.10
C ARG B 329 -11.58 -1.21 -24.13
N PHE B 330 -11.27 -0.70 -25.34
CA PHE B 330 -10.41 0.48 -25.53
C PHE B 330 -11.04 1.64 -26.26
N ARG B 331 -11.96 1.35 -27.16
CA ARG B 331 -12.64 2.39 -27.92
C ARG B 331 -13.96 1.90 -28.46
N GLU B 332 -14.67 2.77 -29.21
CA GLU B 332 -15.92 2.44 -29.87
C GLU B 332 -15.66 1.29 -30.86
N CYS B 333 -16.42 0.18 -30.75
CA CYS B 333 -16.26 -0.96 -31.66
C CYS B 333 -17.64 -1.24 -32.29
N ASN B 334 -17.68 -1.42 -33.62
CA ASN B 334 -18.92 -1.62 -34.37
C ASN B 334 -19.77 -2.80 -33.91
N MET B 335 -19.18 -3.84 -33.24
CA MET B 335 -19.98 -4.93 -32.65
C MET B 335 -20.84 -4.39 -31.48
N GLY B 336 -20.25 -3.51 -30.67
CA GLY B 336 -20.93 -2.87 -29.54
C GLY B 336 -22.11 -2.03 -29.99
N ASN B 337 -21.92 -1.26 -31.10
CA ASN B 337 -22.95 -0.44 -31.72
C ASN B 337 -24.10 -1.31 -32.20
N LEU B 338 -23.78 -2.43 -32.90
CA LEU B 338 -24.76 -3.41 -33.36
C LEU B 338 -25.63 -3.94 -32.20
N ILE B 339 -24.99 -4.38 -31.10
CA ILE B 339 -25.70 -4.93 -29.94
C ILE B 339 -26.53 -3.86 -29.26
N CYS B 340 -26.01 -2.62 -29.19
CA CYS B 340 -26.78 -1.52 -28.58
C CYS B 340 -27.97 -1.11 -29.43
N ASP B 341 -27.83 -1.16 -30.75
CA ASP B 341 -28.91 -0.89 -31.69
C ASP B 341 -29.99 -1.97 -31.62
N ALA B 342 -29.59 -3.24 -31.39
CA ALA B 342 -30.46 -4.41 -31.22
C ALA B 342 -31.27 -4.25 -29.91
N MET B 343 -30.59 -3.79 -28.86
CA MET B 343 -31.14 -3.49 -27.53
C MET B 343 -32.23 -2.43 -27.60
N ILE B 344 -31.92 -1.27 -28.21
CA ILE B 344 -32.82 -0.12 -28.36
C ILE B 344 -34.03 -0.49 -29.23
N ASN B 345 -33.77 -1.16 -30.38
CA ASN B 345 -34.78 -1.59 -31.35
C ASN B 345 -35.78 -2.52 -30.69
N ASN B 346 -35.28 -3.50 -29.93
CA ASN B 346 -36.11 -4.48 -29.23
C ASN B 346 -37.10 -3.79 -28.28
N ASN B 347 -36.63 -2.81 -27.51
CA ASN B 347 -37.45 -2.09 -26.54
C ASN B 347 -38.34 -0.99 -27.16
N LEU B 348 -37.91 -0.35 -28.28
CA LEU B 348 -38.73 0.68 -28.96
C LEU B 348 -39.84 0.10 -29.85
N ARG B 349 -39.73 -1.19 -30.24
CA ARG B 349 -40.73 -1.91 -31.03
C ARG B 349 -41.79 -2.49 -30.10
N HIS B 358 -40.53 5.15 -23.91
CA HIS B 358 -39.55 5.52 -24.93
C HIS B 358 -38.14 5.39 -24.34
N VAL B 359 -37.34 4.45 -24.90
CA VAL B 359 -35.98 4.18 -24.45
C VAL B 359 -34.99 4.48 -25.56
N SER B 360 -34.18 5.52 -25.38
CA SER B 360 -33.26 5.95 -26.44
C SER B 360 -31.80 5.62 -26.18
N MET B 361 -31.44 5.36 -24.92
CA MET B 361 -30.08 5.11 -24.49
C MET B 361 -29.75 3.65 -24.16
N CYS B 362 -28.50 3.26 -24.45
CA CYS B 362 -27.93 1.94 -24.22
C CYS B 362 -26.52 2.04 -23.70
N ILE B 363 -26.18 1.23 -22.67
CA ILE B 363 -24.81 1.06 -22.18
C ILE B 363 -24.52 -0.46 -22.19
N LEU B 364 -23.25 -0.85 -22.43
CA LEU B 364 -22.88 -2.25 -22.58
C LEU B 364 -21.39 -2.46 -22.30
N ASN B 365 -21.04 -3.13 -21.19
CA ASN B 365 -19.65 -3.42 -20.83
C ASN B 365 -18.97 -4.18 -21.98
N GLY B 366 -17.99 -3.54 -22.60
CA GLY B 366 -17.23 -4.11 -23.72
C GLY B 366 -16.67 -5.50 -23.43
N GLY B 367 -16.38 -5.77 -22.15
CA GLY B 367 -15.89 -7.08 -21.69
C GLY B 367 -16.90 -8.20 -21.85
N GLY B 368 -18.18 -7.85 -22.01
CA GLY B 368 -19.26 -8.80 -22.23
C GLY B 368 -19.41 -9.21 -23.69
N ILE B 369 -18.55 -8.64 -24.59
CA ILE B 369 -18.42 -8.93 -26.03
C ILE B 369 -17.22 -9.90 -26.09
N ARG B 370 -17.52 -11.14 -26.49
CA ARG B 370 -16.60 -12.23 -26.36
C ARG B 370 -15.95 -12.76 -27.65
N SER B 371 -16.36 -12.22 -28.82
CA SER B 371 -15.79 -12.67 -30.10
C SER B 371 -16.16 -11.74 -31.24
N PRO B 372 -15.32 -11.63 -32.30
CA PRO B 372 -15.74 -10.89 -33.49
C PRO B 372 -16.51 -11.86 -34.39
N ILE B 373 -17.04 -11.37 -35.52
CA ILE B 373 -17.68 -12.20 -36.55
C ILE B 373 -17.05 -11.80 -37.89
N ASP B 374 -16.52 -12.76 -38.62
CA ASP B 374 -15.95 -12.49 -39.93
C ASP B 374 -17.07 -12.34 -40.98
N GLU B 375 -16.81 -11.54 -42.02
CA GLU B 375 -17.74 -11.26 -43.10
C GLU B 375 -17.36 -11.95 -44.43
N ARG B 376 -16.16 -12.52 -44.52
CA ARG B 376 -15.69 -13.14 -45.76
C ARG B 376 -16.29 -14.57 -46.03
N ASN B 377 -17.08 -15.11 -45.08
CA ASN B 377 -17.76 -16.43 -45.19
C ASN B 377 -19.09 -16.27 -45.99
N ASP B 378 -19.08 -15.36 -47.01
CA ASP B 378 -20.24 -14.93 -47.79
C ASP B 378 -21.15 -14.04 -46.89
N GLY B 379 -20.59 -13.61 -45.75
CA GLY B 379 -21.21 -12.77 -44.74
C GLY B 379 -22.09 -13.47 -43.71
N THR B 380 -22.29 -14.77 -43.88
CA THR B 380 -23.16 -15.65 -43.08
C THR B 380 -22.92 -15.52 -41.57
N ILE B 381 -24.03 -15.36 -40.81
CA ILE B 381 -24.08 -15.28 -39.35
C ILE B 381 -25.08 -16.35 -38.93
N THR B 382 -24.61 -17.30 -38.10
CA THR B 382 -25.44 -18.38 -37.58
C THR B 382 -25.56 -18.21 -36.07
N TRP B 383 -26.39 -19.04 -35.41
CA TRP B 383 -26.54 -18.99 -33.95
C TRP B 383 -25.20 -19.30 -33.28
N GLU B 384 -24.38 -20.22 -33.87
CA GLU B 384 -23.05 -20.62 -33.39
C GLU B 384 -22.10 -19.41 -33.34
N ASN B 385 -22.14 -18.55 -34.39
CA ASN B 385 -21.32 -17.35 -34.47
C ASN B 385 -21.70 -16.37 -33.38
N LEU B 386 -23.02 -16.20 -33.15
CA LEU B 386 -23.59 -15.30 -32.16
C LEU B 386 -23.36 -15.76 -30.74
N ALA B 387 -23.42 -17.08 -30.52
CA ALA B 387 -23.20 -17.71 -29.21
C ALA B 387 -21.77 -17.51 -28.72
N ALA B 388 -20.82 -17.24 -29.63
CA ALA B 388 -19.44 -16.95 -29.25
C ALA B 388 -19.30 -15.47 -28.88
N VAL B 389 -20.19 -14.61 -29.39
CA VAL B 389 -20.20 -13.18 -29.11
C VAL B 389 -20.90 -12.95 -27.77
N LEU B 390 -22.07 -13.59 -27.57
CA LEU B 390 -22.89 -13.48 -26.34
C LEU B 390 -23.08 -14.86 -25.70
N PRO B 391 -22.06 -15.37 -24.97
CA PRO B 391 -22.19 -16.71 -24.37
C PRO B 391 -22.78 -16.81 -22.97
N PHE B 392 -22.94 -15.69 -22.26
CA PHE B 392 -23.31 -15.67 -20.85
C PHE B 392 -24.76 -15.91 -20.51
N GLY B 393 -25.67 -15.91 -21.47
CA GLY B 393 -27.08 -16.17 -21.22
C GLY B 393 -27.78 -15.14 -20.35
N GLY B 394 -27.43 -13.86 -20.54
CA GLY B 394 -28.01 -12.75 -19.80
C GLY B 394 -29.22 -12.14 -20.50
N THR B 395 -29.73 -11.07 -19.94
CA THR B 395 -30.91 -10.38 -20.50
C THR B 395 -30.60 -8.91 -20.65
N PHE B 396 -31.31 -8.23 -21.58
CA PHE B 396 -31.15 -6.79 -21.79
C PHE B 396 -32.23 -6.03 -21.07
N ASP B 397 -31.94 -5.63 -19.82
CA ASP B 397 -32.84 -4.98 -18.87
C ASP B 397 -33.06 -3.45 -19.04
N LEU B 398 -34.26 -2.97 -18.61
CA LEU B 398 -34.67 -1.55 -18.62
C LEU B 398 -34.39 -0.95 -17.24
N VAL B 399 -33.65 0.14 -17.19
CA VAL B 399 -33.32 0.80 -15.95
C VAL B 399 -33.64 2.33 -16.04
N GLN B 400 -33.95 2.94 -14.89
CA GLN B 400 -34.26 4.36 -14.77
C GLN B 400 -33.14 4.94 -13.90
N LEU B 401 -32.37 5.88 -14.44
CA LEU B 401 -31.22 6.46 -13.74
C LEU B 401 -31.22 7.98 -13.78
N LYS B 402 -30.63 8.57 -12.74
CA LYS B 402 -30.37 10.00 -12.62
C LYS B 402 -29.14 10.26 -13.48
N GLY B 403 -29.03 11.46 -14.05
CA GLY B 403 -27.90 11.89 -14.88
C GLY B 403 -26.57 11.81 -14.15
N SER B 404 -26.59 12.08 -12.82
CA SER B 404 -25.43 12.03 -11.93
C SER B 404 -24.92 10.60 -11.75
N THR B 405 -25.82 9.60 -11.76
CA THR B 405 -25.50 8.17 -11.65
C THR B 405 -24.85 7.73 -12.97
N LEU B 406 -25.38 8.22 -14.10
CA LEU B 406 -24.87 7.95 -15.43
C LEU B 406 -23.53 8.59 -15.66
N LYS B 407 -23.30 9.79 -15.11
CA LYS B 407 -22.02 10.49 -15.18
C LYS B 407 -20.99 9.66 -14.40
N LYS B 408 -21.42 9.10 -13.23
CA LYS B 408 -20.60 8.20 -12.38
C LYS B 408 -20.23 6.92 -13.11
N ALA B 409 -21.23 6.26 -13.77
CA ALA B 409 -21.04 5.04 -14.57
C ALA B 409 -20.02 5.30 -15.68
N PHE B 410 -20.09 6.48 -16.34
CA PHE B 410 -19.15 6.83 -17.43
C PHE B 410 -17.74 7.15 -16.91
N GLU B 411 -17.64 7.59 -15.66
CA GLU B 411 -16.37 7.87 -15.01
C GLU B 411 -15.72 6.54 -14.60
N HIS B 412 -16.56 5.55 -14.24
CA HIS B 412 -16.15 4.20 -13.87
C HIS B 412 -15.66 3.44 -15.11
N SER B 413 -16.30 3.69 -16.25
CA SER B 413 -16.00 3.11 -17.56
C SER B 413 -14.51 3.27 -17.92
N VAL B 414 -13.90 4.42 -17.53
CA VAL B 414 -12.50 4.79 -17.82
C VAL B 414 -11.65 5.01 -16.56
N HIS B 415 -12.19 4.75 -15.35
CA HIS B 415 -11.45 4.98 -14.10
C HIS B 415 -10.06 4.34 -14.07
N ARG B 416 -9.89 3.13 -14.65
CA ARG B 416 -8.59 2.46 -14.69
C ARG B 416 -8.21 2.10 -16.14
N TYR B 417 -8.62 2.95 -17.11
CA TYR B 417 -8.36 2.75 -18.55
C TYR B 417 -6.90 2.40 -18.87
N GLY B 418 -6.72 1.41 -19.74
CA GLY B 418 -5.42 0.92 -20.19
C GLY B 418 -5.11 -0.50 -19.77
N GLN B 419 -5.87 -1.05 -18.81
CA GLN B 419 -5.64 -2.40 -18.27
C GLN B 419 -6.43 -3.53 -18.95
N SER B 420 -7.23 -3.20 -19.98
CA SER B 420 -8.02 -4.18 -20.72
C SER B 420 -9.14 -4.75 -19.85
N THR B 421 -9.58 -3.95 -18.89
CA THR B 421 -10.68 -4.34 -18.01
C THR B 421 -11.97 -4.19 -18.77
N GLY B 422 -12.91 -5.07 -18.46
CA GLY B 422 -14.18 -5.19 -19.14
C GLY B 422 -15.20 -4.09 -18.96
N GLU B 423 -15.04 -3.22 -17.95
CA GLU B 423 -16.02 -2.18 -17.62
C GLU B 423 -16.18 -1.07 -18.66
N PHE B 424 -15.20 -0.85 -19.59
CA PHE B 424 -15.32 0.19 -20.65
C PHE B 424 -16.62 -0.04 -21.39
N LEU B 425 -17.44 0.98 -21.51
CA LEU B 425 -18.79 0.91 -22.10
C LEU B 425 -18.93 1.16 -23.57
N GLN B 426 -19.72 0.30 -24.22
CA GLN B 426 -20.18 0.44 -25.59
C GLN B 426 -21.55 1.08 -25.45
N VAL B 427 -21.93 1.99 -26.36
CA VAL B 427 -23.14 2.82 -26.18
C VAL B 427 -24.09 2.89 -27.39
N GLY B 428 -25.30 3.36 -27.11
CA GLY B 428 -26.37 3.61 -28.06
C GLY B 428 -27.12 4.85 -27.57
N GLY B 429 -27.43 5.77 -28.48
CA GLY B 429 -28.16 7.00 -28.18
C GLY B 429 -27.48 7.92 -27.18
N ILE B 430 -26.13 7.82 -27.10
CA ILE B 430 -25.21 8.56 -26.24
C ILE B 430 -23.99 8.96 -27.07
N HIS B 431 -23.48 10.19 -26.86
CA HIS B 431 -22.27 10.71 -27.50
C HIS B 431 -21.38 11.18 -26.35
N VAL B 432 -20.38 10.36 -26.00
CA VAL B 432 -19.43 10.63 -24.92
C VAL B 432 -18.04 10.97 -25.48
N VAL B 433 -17.35 11.90 -24.80
CA VAL B 433 -15.98 12.34 -25.10
C VAL B 433 -15.23 12.28 -23.77
N TYR B 434 -14.06 11.60 -23.78
CA TYR B 434 -13.19 11.42 -22.62
C TYR B 434 -11.88 12.17 -22.80
N ASP B 435 -11.25 12.60 -21.70
CA ASP B 435 -9.93 13.21 -21.70
C ASP B 435 -9.14 12.40 -20.69
N LEU B 436 -8.33 11.43 -21.17
CA LEU B 436 -7.58 10.54 -20.29
C LEU B 436 -6.40 11.22 -19.54
N SER B 437 -6.03 12.47 -19.93
CA SER B 437 -4.99 13.26 -19.26
C SER B 437 -5.47 13.64 -17.86
N ARG B 438 -6.79 13.76 -17.70
CA ARG B 438 -7.47 14.10 -16.45
C ARG B 438 -7.48 12.94 -15.48
N LYS B 439 -7.51 13.28 -14.18
CA LYS B 439 -7.51 12.38 -13.02
C LYS B 439 -8.76 11.47 -13.06
N PRO B 440 -8.66 10.19 -12.62
CA PRO B 440 -9.86 9.32 -12.62
C PRO B 440 -11.02 9.90 -11.82
N GLY B 441 -12.23 9.75 -12.36
CA GLY B 441 -13.44 10.28 -11.75
C GLY B 441 -13.81 11.65 -12.31
N ASP B 442 -12.93 12.23 -13.16
CA ASP B 442 -13.14 13.52 -13.82
C ASP B 442 -12.62 13.48 -15.28
N ARG B 443 -12.81 12.33 -15.96
CA ARG B 443 -12.35 12.11 -17.33
C ARG B 443 -13.43 12.40 -18.40
N VAL B 444 -14.73 12.39 -18.04
CA VAL B 444 -15.83 12.67 -18.98
C VAL B 444 -15.88 14.19 -19.23
N VAL B 445 -15.53 14.64 -20.46
CA VAL B 445 -15.53 16.08 -20.83
C VAL B 445 -16.79 16.49 -21.63
N LYS B 446 -17.53 15.51 -22.16
CA LYS B 446 -18.78 15.69 -22.91
C LYS B 446 -19.61 14.41 -22.80
N LEU B 447 -20.90 14.57 -22.55
CA LEU B 447 -21.86 13.48 -22.42
C LEU B 447 -23.20 14.02 -22.89
N ASP B 448 -23.51 13.79 -24.16
CA ASP B 448 -24.80 14.20 -24.74
C ASP B 448 -25.61 12.94 -24.91
N VAL B 449 -26.91 13.04 -24.75
CA VAL B 449 -27.82 11.90 -24.81
C VAL B 449 -29.01 12.29 -25.66
N LEU B 450 -29.63 11.31 -26.27
CA LEU B 450 -30.77 11.45 -27.15
C LEU B 450 -32.00 11.78 -26.32
N CYS B 451 -32.63 12.95 -26.54
CA CYS B 451 -33.81 13.31 -25.76
C CYS B 451 -35.01 12.37 -26.01
N THR B 452 -35.91 12.30 -25.02
CA THR B 452 -37.12 11.48 -25.10
C THR B 452 -38.34 12.38 -25.12
N LYS B 453 -38.36 13.40 -24.20
CA LYS B 453 -39.39 14.44 -24.05
C LYS B 453 -39.12 15.54 -25.10
N CYS B 454 -39.29 15.15 -26.38
CA CYS B 454 -39.07 15.91 -27.62
C CYS B 454 -39.72 15.12 -28.74
N ARG B 455 -40.29 15.82 -29.71
CA ARG B 455 -40.94 15.18 -30.84
C ARG B 455 -39.92 14.68 -31.84
N VAL B 456 -38.84 15.46 -31.96
CA VAL B 456 -37.68 15.20 -32.82
C VAL B 456 -36.49 14.96 -31.88
N PRO B 457 -36.05 13.68 -31.79
CA PRO B 457 -34.90 13.36 -30.93
C PRO B 457 -33.59 13.96 -31.41
N SER B 458 -32.89 14.64 -30.50
CA SER B 458 -31.59 15.25 -30.75
C SER B 458 -30.65 15.03 -29.55
N TYR B 459 -29.36 15.32 -29.69
CA TYR B 459 -28.40 15.13 -28.61
C TYR B 459 -28.25 16.39 -27.76
N ASP B 460 -28.60 16.26 -26.48
CA ASP B 460 -28.54 17.34 -25.52
C ASP B 460 -27.62 16.98 -24.39
N PRO B 461 -26.89 17.98 -23.82
CA PRO B 461 -26.00 17.68 -22.68
C PRO B 461 -26.77 16.96 -21.57
N LEU B 462 -26.14 15.94 -20.99
CA LEU B 462 -26.78 15.20 -19.92
C LEU B 462 -26.89 16.10 -18.67
N LYS B 463 -28.09 16.16 -18.09
CA LYS B 463 -28.40 16.94 -16.91
C LYS B 463 -28.31 16.03 -15.67
N MET B 464 -27.52 16.45 -14.67
CA MET B 464 -27.31 15.69 -13.43
C MET B 464 -28.60 15.34 -12.69
N ASP B 465 -29.52 16.32 -12.59
CA ASP B 465 -30.81 16.29 -11.89
C ASP B 465 -32.00 15.66 -12.68
N GLU B 466 -31.76 15.26 -13.94
CA GLU B 466 -32.76 14.67 -14.83
C GLU B 466 -32.78 13.12 -14.72
N VAL B 467 -33.88 12.49 -15.16
CA VAL B 467 -34.06 11.03 -15.14
C VAL B 467 -34.07 10.51 -16.55
N TYR B 468 -33.31 9.42 -16.78
CA TYR B 468 -33.09 8.76 -18.07
C TYR B 468 -33.40 7.27 -18.02
N LYS B 469 -33.93 6.74 -19.14
CA LYS B 469 -34.29 5.33 -19.32
C LYS B 469 -33.21 4.69 -20.18
N VAL B 470 -32.40 3.81 -19.54
CA VAL B 470 -31.23 3.14 -20.15
C VAL B 470 -31.46 1.63 -20.31
N ILE B 471 -31.09 1.09 -21.48
CA ILE B 471 -31.10 -0.35 -21.73
C ILE B 471 -29.67 -0.83 -21.54
N LEU B 472 -29.50 -1.82 -20.65
CA LEU B 472 -28.22 -2.40 -20.29
C LEU B 472 -28.34 -3.88 -19.94
N PRO B 473 -27.23 -4.69 -20.05
CA PRO B 473 -27.33 -6.10 -19.66
C PRO B 473 -27.62 -6.24 -18.17
N ASN B 474 -28.32 -7.33 -17.76
CA ASN B 474 -28.65 -7.60 -16.35
C ASN B 474 -27.42 -7.54 -15.44
N PHE B 475 -26.27 -8.05 -15.94
CA PHE B 475 -24.97 -8.03 -15.27
C PHE B 475 -24.64 -6.64 -14.71
N LEU B 476 -24.86 -5.58 -15.50
CA LEU B 476 -24.62 -4.18 -15.14
C LEU B 476 -25.70 -3.62 -14.21
N ALA B 477 -26.98 -3.89 -14.53
CA ALA B 477 -28.16 -3.49 -13.74
C ALA B 477 -28.05 -4.02 -12.31
N ASN B 478 -27.39 -5.20 -12.12
CA ASN B 478 -27.18 -5.81 -10.81
C ASN B 478 -25.82 -5.40 -10.18
N GLY B 479 -25.31 -4.23 -10.59
CA GLY B 479 -24.08 -3.65 -10.08
C GLY B 479 -22.78 -4.38 -10.37
N GLY B 480 -22.79 -5.26 -11.39
CA GLY B 480 -21.63 -6.01 -11.83
C GLY B 480 -20.62 -5.09 -12.47
N ASP B 481 -19.38 -5.58 -12.60
CA ASP B 481 -18.23 -4.86 -13.16
C ASP B 481 -17.84 -3.60 -12.39
N GLY B 482 -18.19 -3.54 -11.10
CA GLY B 482 -17.85 -2.44 -10.21
C GLY B 482 -18.79 -1.25 -10.33
N PHE B 483 -19.89 -1.41 -11.11
CA PHE B 483 -20.92 -0.40 -11.32
C PHE B 483 -21.92 -0.37 -10.13
N GLN B 484 -21.39 -0.17 -8.91
CA GLN B 484 -22.12 -0.11 -7.63
C GLN B 484 -23.19 0.96 -7.67
N MET B 485 -22.87 2.09 -8.32
CA MET B 485 -23.76 3.24 -8.46
C MET B 485 -25.04 2.87 -9.19
N ILE B 486 -25.01 1.92 -10.15
CA ILE B 486 -26.24 1.53 -10.88
C ILE B 486 -27.19 0.80 -9.92
N LYS B 487 -26.78 -0.35 -9.36
CA LYS B 487 -27.62 -1.11 -8.40
C LYS B 487 -28.11 -0.24 -7.21
N ASP B 488 -27.22 0.63 -6.66
CA ASP B 488 -27.51 1.48 -5.51
C ASP B 488 -28.32 2.73 -5.80
N GLU B 489 -28.08 3.37 -6.95
CA GLU B 489 -28.76 4.63 -7.27
C GLU B 489 -29.91 4.51 -8.26
N LEU B 490 -30.13 3.32 -8.88
CA LEU B 490 -31.25 3.18 -9.84
C LEU B 490 -32.60 3.53 -9.21
N LEU B 491 -33.55 3.97 -10.03
CA LEU B 491 -34.86 4.36 -9.55
C LEU B 491 -35.94 3.35 -9.93
N ARG B 492 -35.66 2.52 -10.94
CA ARG B 492 -36.52 1.46 -11.45
C ARG B 492 -35.65 0.52 -12.28
N HIS B 493 -35.90 -0.78 -12.15
CA HIS B 493 -35.21 -1.83 -12.88
C HIS B 493 -36.25 -2.85 -13.32
N ASP B 494 -36.33 -3.12 -14.62
CA ASP B 494 -37.26 -4.09 -15.20
C ASP B 494 -36.49 -5.08 -16.04
N SER B 495 -36.77 -6.39 -15.87
CA SER B 495 -36.11 -7.46 -16.61
C SER B 495 -36.48 -7.42 -18.08
N GLY B 496 -35.50 -7.73 -18.93
CA GLY B 496 -35.70 -7.72 -20.38
C GLY B 496 -35.57 -9.08 -21.02
N ASP B 497 -35.56 -9.11 -22.36
CA ASP B 497 -35.44 -10.34 -23.13
C ASP B 497 -34.00 -10.86 -23.11
N GLN B 498 -33.83 -12.17 -23.41
CA GLN B 498 -32.54 -12.85 -23.47
C GLN B 498 -31.66 -12.23 -24.56
N ASP B 499 -30.41 -11.86 -24.17
CA ASP B 499 -29.40 -11.14 -24.95
C ASP B 499 -29.17 -11.65 -26.40
N ILE B 500 -28.93 -12.96 -26.57
CA ILE B 500 -28.69 -13.60 -27.86
C ILE B 500 -29.94 -13.54 -28.74
N ASN B 501 -31.12 -13.70 -28.13
CA ASN B 501 -32.41 -13.66 -28.82
C ASN B 501 -32.70 -12.26 -29.36
N VAL B 502 -32.37 -11.20 -28.59
CA VAL B 502 -32.54 -9.80 -28.98
C VAL B 502 -31.71 -9.50 -30.23
N VAL B 503 -30.42 -9.92 -30.24
CA VAL B 503 -29.50 -9.67 -31.35
C VAL B 503 -29.86 -10.51 -32.60
N SER B 504 -30.15 -11.82 -32.45
CA SER B 504 -30.55 -12.69 -33.58
C SER B 504 -31.86 -12.20 -34.24
N THR B 505 -32.81 -11.70 -33.41
CA THR B 505 -34.10 -11.12 -33.80
C THR B 505 -33.81 -9.95 -34.73
N TYR B 506 -32.95 -9.05 -34.27
CA TYR B 506 -32.52 -7.85 -34.97
C TYR B 506 -31.84 -8.19 -36.29
N ILE B 507 -30.84 -9.10 -36.27
CA ILE B 507 -30.11 -9.52 -37.47
C ILE B 507 -31.11 -10.07 -38.52
N SER B 508 -32.06 -10.92 -38.08
CA SER B 508 -33.11 -11.49 -38.92
C SER B 508 -34.03 -10.42 -39.56
N LYS B 509 -34.35 -9.34 -38.81
CA LYS B 509 -35.17 -8.21 -39.26
C LYS B 509 -34.40 -7.37 -40.29
N MET B 510 -33.10 -7.12 -40.03
CA MET B 510 -32.24 -6.30 -40.91
C MET B 510 -31.76 -7.04 -42.17
N LYS B 511 -31.60 -8.37 -42.09
CA LYS B 511 -31.17 -9.27 -43.17
C LYS B 511 -29.69 -9.03 -43.55
N VAL B 512 -29.33 -7.80 -43.96
CA VAL B 512 -27.95 -7.42 -44.26
C VAL B 512 -27.55 -6.28 -43.29
N ILE B 513 -26.51 -6.51 -42.48
CA ILE B 513 -26.04 -5.51 -41.51
C ILE B 513 -24.69 -4.94 -41.89
N TYR B 514 -24.44 -3.70 -41.46
CA TYR B 514 -23.22 -2.95 -41.74
C TYR B 514 -22.90 -1.93 -40.62
N PRO B 515 -22.77 -2.33 -39.33
CA PRO B 515 -22.42 -1.33 -38.30
C PRO B 515 -21.06 -0.68 -38.52
N ALA B 516 -20.96 0.57 -38.11
CA ALA B 516 -19.78 1.40 -38.28
C ALA B 516 -19.37 2.01 -36.95
N VAL B 517 -18.10 2.43 -36.87
CA VAL B 517 -17.53 3.20 -35.77
C VAL B 517 -17.87 4.65 -36.25
N GLU B 518 -18.77 5.31 -35.56
CA GLU B 518 -19.26 6.58 -36.05
C GLU B 518 -19.08 7.81 -35.10
N GLY B 519 -18.43 7.66 -33.96
CA GLY B 519 -18.17 8.80 -33.09
C GLY B 519 -19.05 8.87 -31.85
N ARG B 520 -19.61 7.74 -31.45
CA ARG B 520 -20.41 7.63 -30.23
C ARG B 520 -19.47 7.82 -29.04
N ILE B 521 -18.19 7.41 -29.19
CA ILE B 521 -17.15 7.54 -28.18
C ILE B 521 -15.94 8.24 -28.76
N LYS B 522 -15.54 9.36 -28.17
CA LYS B 522 -14.36 10.10 -28.63
C LYS B 522 -13.37 10.32 -27.47
N PHE B 523 -12.12 10.64 -27.79
CA PHE B 523 -11.06 10.87 -26.83
C PHE B 523 -10.40 12.21 -27.14
N SER B 524 -10.49 13.15 -26.21
CA SER B 524 -9.99 14.52 -26.28
C SER B 524 -8.48 14.56 -26.07
ZN ZN C . 12.12 11.94 20.69
ZN ZN D . 11.90 12.83 24.32
N1 OO5 E . 1.07 16.58 22.28
N2 OO5 E . 2.97 17.74 21.37
C1 OO5 E . 3.71 17.06 22.24
C2 OO5 E . 3.25 16.14 23.18
C3 OO5 E . 1.85 15.95 23.17
C4 OO5 E . 4.41 15.69 23.85
C5 OO5 E . 0.54 13.98 23.94
C6 OO5 E . 1.03 13.00 26.03
O1 OO5 E . 8.29 19.97 23.85
C7 OO5 E . 7.52 18.89 23.34
C8 OO5 E . 6.22 19.29 22.66
O2 OO5 E . 6.33 20.45 21.85
C9 OO5 E . 8.25 18.15 22.22
C10 OO5 E . 9.29 17.16 22.71
O3 OO5 E . 10.25 16.97 21.69
C11 OO5 E . 11.31 16.11 22.09
P1 OO5 E . 10.74 14.40 22.27
O4 OO5 E . 11.91 13.56 21.74
O5 OO5 E . 10.37 13.99 23.66
O6 OO5 E . 9.59 14.26 21.25
O7 OO5 E . 7.21 17.49 21.47
C12 OO5 E . 5.95 18.08 21.77
N3 OO5 E . 5.06 17.12 22.39
N4 OO5 E . 5.50 16.27 23.36
C13 OO5 E . 1.67 17.43 21.47
CL1 OO5 E . 0.61 18.39 20.48
N5 OO5 E . 1.27 15.22 24.14
C14 OO5 E . -0.10 13.55 25.24
C15 OO5 E . 1.99 12.43 24.98
C16 OO5 E . 1.47 12.83 23.64
CA CA F . 35.60 5.07 35.27
ZN ZN G . -10.73 -15.34 -19.60
ZN ZN H . -11.08 -14.56 -16.12
N1 OO5 I . -21.97 -11.07 -18.06
N2 OO5 I . -20.11 -9.87 -19.01
C1 OO5 I . -19.35 -10.52 -18.12
C2 OO5 I . -19.78 -11.44 -17.17
C3 OO5 I . -21.18 -11.67 -17.16
C4 OO5 I . -18.60 -11.85 -16.52
C5 OO5 I . -22.40 -13.69 -16.39
C6 OO5 I . -21.86 -14.77 -14.34
O1 OO5 I . -14.86 -7.42 -16.60
C7 OO5 I . -15.60 -8.52 -17.07
C8 OO5 I . -16.91 -8.18 -17.76
O2 OO5 I . -16.84 -7.03 -18.61
C9 OO5 I . -14.85 -9.26 -18.18
C10 OO5 I . -13.79 -10.22 -17.69
O3 OO5 I . -12.84 -10.40 -18.73
C11 OO5 I . -11.78 -11.26 -18.29
P1 OO5 I . -12.28 -12.97 -18.11
O4 OO5 I . -11.07 -13.77 -18.64
O5 OO5 I . -12.63 -13.40 -16.72
O6 OO5 I . -13.40 -13.18 -19.14
O7 OO5 I . -15.87 -9.99 -18.91
C12 OO5 I . -17.14 -9.43 -18.62
N3 OO5 I . -18.00 -10.40 -17.97
N4 OO5 I . -17.54 -11.23 -17.00
C13 OO5 I . -21.39 -10.21 -18.89
CL1 OO5 I . -22.48 -9.29 -19.89
N5 OO5 I . -21.73 -12.42 -16.21
C14 OO5 I . -23.02 -14.16 -15.10
C15 OO5 I . -20.89 -15.30 -15.39
C16 OO5 I . -21.41 -14.84 -16.73
CA CA J . 12.55 -20.75 -4.96
#